data_8CP6
#
_entry.id   8CP6
#
_cell.length_a   1.00
_cell.length_b   1.00
_cell.length_c   1.00
_cell.angle_alpha   90.00
_cell.angle_beta   90.00
_cell.angle_gamma   90.00
#
_symmetry.space_group_name_H-M   'P 1'
#
loop_
_entity.id
_entity.type
_entity.pdbx_description
1 polymer 'Toxin protein Tse5'
2 polymer 'Toxin protein Tse5'
3 polymer 'Toxin protein Tse5'
#
loop_
_entity_poly.entity_id
_entity_poly.type
_entity_poly.pdbx_seq_one_letter_code
_entity_poly.pdbx_strand_id
1 'polypeptide(L)' MMGSSHHHHHHHHHSSGENLYFQGGSMSGLPVSHVGEKVSGGVISTGSPTVHVGSSAVGLADRVSACVPLVGK A
2 'polypeptide(L)'
;PVNPMLGSKLLPEEVDFALAAPDTFTFARGYLSSNPRIGRLGRGWWLPGESMHLELSEDACVLVDAQGRRIGFPALAPGA
QHYSGSEELWLRRGGSSGGEAQAWRGRWAAVPAELQTQEGSVLVLSGHSYLHFQRCPDGIWRLQASFGRAGYRTEFRWSG
RGLLTGVRDSAGRSYALVYQQACEPSEGDDGLRLFGVILASHDGPPPDYIDPQSPGLDWLVRYQFSDSGDLIAVRDRLGQ
VVRVFAWREHMLVAHGEPGGLEVRYEWDVHAPHGRVVKQIEAGGLTRTFRYLRDATEVSDSLGRVERYEFAGEGGQRRWT
ALVRADGSRSEFDYDLFGRLVAMRDPLGRETRRRRDGQGRMLEEESPGKARYRKRVDEETGLLVELEDAMQRRWTFERDE
RGNATTVRGPAGSTRYAYEDPRLPDRPTRIVDPRGGERRLEWNRFGLLAALTDCSGQVWRYDYDNEGRLVASSDPLGQLT
RRRYDPLGQLIGLELADGSALSYEYDALGRQTRIADAEGHATLFSWGHGDLLARVSDAGGGELSYLHDEAGRLVALTNEN
GVQAQFRYDLLDRLVEETGFDGRRQRYRYNAADELIAREDADGRETTYAYDRDGRLASIRVPATEHAPALVERYRWLADG
RLASAGGADCEVRYTYDEVGNLRLESQVHADGWVYSVEHSHDALGVRQTSRYGDAPPVAWLTYGPGHLHGALVGAVELAF
ERDALHREVRRDARRDGQDDALFTQERQHAPLGRLQRSRLRLAGGFDWQRGYRYDGLGQLVGIDDNQYPSVRYEYDLGGR
LLASRRAGAAASTYRYDAAGNRLEGVGEHAREDARQAFAENELYRSGFSRSETRASQAGEGPARWAGNRVERIAGNRYRF
DALGNLVERIGADGERLRLAYDGAQRLVHLTRDYADGTRLEARYRYDALSRRIAKVVLRDGVEQQVRFGWDGDRQCAEAF
ARELRTTVHEPGGFVPLLRLEQACEPDPPELLQLRQAFAAEGQPLPAQCVPALGEARIAFFHTDHLGTPLQLSDERGQLR
WQGVPDDWRAVAPERQPGAQPIRFQGQYHDEESGLYYNRYRYYLPEAGRYASQDPLGLGGGPNPYAYALNAPTLAYDPTG
L
;
B
3 'polypeptide(L)'
;IIPLVVIGAFAARAAIGAALGAGIELGMQTGKQVLGQMKDNWDSDRDLTDIKWKCIDINWKHVGASAAIGTVAPGMLSTG
KTVVQSAKAIRTLSGQAANTANRAAKLAARKAAHADTIKKAVATQAAWQTGKQIVKCPLKDEEEECPPQ
;
C
#
# COMPACT_ATOMS: atom_id res chain seq x y z
N SER A 56 -24.97 21.55 -24.59
CA SER A 56 -25.50 21.77 -23.25
C SER A 56 -26.87 21.13 -23.10
N ALA A 57 -27.79 21.47 -24.01
CA ALA A 57 -29.14 20.93 -23.97
C ALA A 57 -29.22 19.52 -24.55
N VAL A 58 -28.15 19.01 -25.14
CA VAL A 58 -28.11 17.67 -25.71
C VAL A 58 -27.59 16.71 -24.66
N GLY A 59 -28.34 15.64 -24.41
CA GLY A 59 -27.94 14.66 -23.41
C GLY A 59 -27.96 15.19 -21.99
N LEU A 60 -29.01 15.92 -21.62
CA LEU A 60 -29.16 16.46 -20.28
C LEU A 60 -30.23 15.66 -19.55
N ALA A 61 -29.85 15.06 -18.42
CA ALA A 61 -30.78 14.27 -17.65
C ALA A 61 -31.77 15.16 -16.91
N ASP A 62 -32.94 14.60 -16.59
CA ASP A 62 -33.94 15.32 -15.84
C ASP A 62 -33.73 15.23 -14.33
N ARG A 63 -32.73 14.48 -13.89
CA ARG A 63 -32.44 14.31 -12.47
C ARG A 63 -30.96 14.06 -12.31
N VAL A 64 -30.38 14.63 -11.26
CA VAL A 64 -28.95 14.48 -11.01
C VAL A 64 -28.69 13.12 -10.38
N SER A 65 -27.53 12.54 -10.69
CA SER A 65 -27.17 11.24 -10.14
C SER A 65 -26.98 11.32 -8.64
N ALA A 66 -27.37 10.24 -7.96
CA ALA A 66 -27.30 10.17 -6.51
C ALA A 66 -25.99 9.61 -6.00
N CYS A 67 -24.97 9.49 -6.87
CA CYS A 67 -23.70 8.91 -6.45
C CYS A 67 -23.02 9.76 -5.38
N VAL A 68 -23.07 11.07 -5.52
CA VAL A 68 -22.49 11.97 -4.51
C VAL A 68 -23.44 13.12 -4.27
N PRO A 69 -23.49 13.62 -3.02
CA PRO A 69 -22.82 13.09 -1.82
C PRO A 69 -23.62 11.97 -1.18
N LEU A 70 -22.97 11.12 -0.39
CA LEU A 70 -23.65 10.04 0.33
C LEU A 70 -23.33 10.14 1.81
N VAL A 71 -24.34 9.93 2.64
CA VAL A 71 -24.22 10.07 4.08
C VAL A 71 -24.62 8.76 4.74
N GLY A 72 -23.79 8.27 5.65
CA GLY A 72 -24.12 7.09 6.42
C GLY A 72 -23.99 5.79 5.63
N LYS A 73 -24.61 4.76 6.16
CA LYS A 73 -24.58 3.43 5.54
C LYS A 73 -25.96 3.05 5.01
N PRO B 1 -26.47 4.26 1.32
CA PRO B 1 -26.44 5.55 2.00
C PRO B 1 -27.56 6.48 1.56
N VAL B 2 -27.62 7.67 2.14
CA VAL B 2 -28.64 8.66 1.83
C VAL B 2 -27.97 9.82 1.11
N ASN B 3 -28.57 10.26 0.02
CA ASN B 3 -28.06 11.41 -0.72
C ASN B 3 -28.74 12.67 -0.20
N PRO B 4 -28.05 13.48 0.62
CA PRO B 4 -28.71 14.65 1.22
C PRO B 4 -29.16 15.68 0.21
N MET B 5 -28.53 15.74 -0.96
CA MET B 5 -28.96 16.69 -1.99
C MET B 5 -30.36 16.35 -2.49
N LEU B 6 -30.67 15.07 -2.66
CA LEU B 6 -31.96 14.62 -3.17
C LEU B 6 -32.85 14.00 -2.10
N GLY B 7 -32.28 13.50 -1.01
CA GLY B 7 -33.05 12.85 0.03
C GLY B 7 -33.38 11.41 -0.26
N SER B 8 -32.88 10.83 -1.34
CA SER B 8 -33.18 9.47 -1.72
C SER B 8 -32.18 8.50 -1.12
N LYS B 9 -32.61 7.25 -0.97
CA LYS B 9 -31.78 6.17 -0.47
C LYS B 9 -31.16 5.43 -1.65
N LEU B 10 -29.84 5.35 -1.68
CA LEU B 10 -29.12 4.69 -2.76
C LEU B 10 -28.34 3.52 -2.21
N LEU B 11 -28.58 2.33 -2.77
CA LEU B 11 -27.73 1.18 -2.49
C LEU B 11 -26.82 0.98 -3.68
N PRO B 12 -25.52 1.26 -3.57
CA PRO B 12 -24.62 1.06 -4.70
C PRO B 12 -24.56 -0.39 -5.12
N GLU B 13 -24.09 -0.62 -6.34
CA GLU B 13 -24.15 -1.94 -6.93
C GLU B 13 -23.44 -2.97 -6.06
N GLU B 14 -24.11 -4.08 -5.79
CA GLU B 14 -23.57 -5.19 -5.04
C GLU B 14 -23.40 -6.37 -5.97
N VAL B 15 -22.19 -6.91 -6.06
CA VAL B 15 -21.89 -7.98 -7.00
C VAL B 15 -22.31 -9.30 -6.36
N ASP B 16 -23.41 -9.88 -6.86
CA ASP B 16 -23.82 -11.19 -6.37
C ASP B 16 -22.85 -12.27 -6.80
N PHE B 17 -22.37 -12.21 -8.05
CA PHE B 17 -21.33 -13.12 -8.50
C PHE B 17 -20.59 -12.46 -9.66
N ALA B 18 -19.30 -12.79 -9.78
CA ALA B 18 -18.47 -12.31 -10.89
C ALA B 18 -17.41 -13.37 -11.16
N LEU B 19 -17.70 -14.27 -12.09
CA LEU B 19 -16.74 -15.30 -12.46
C LEU B 19 -15.75 -14.74 -13.47
N ALA B 20 -14.48 -15.12 -13.31
CA ALA B 20 -13.41 -14.53 -14.10
C ALA B 20 -13.60 -14.81 -15.59
N ALA B 21 -13.41 -13.77 -16.40
CA ALA B 21 -13.56 -13.85 -17.84
C ALA B 21 -12.75 -12.73 -18.46
N PRO B 22 -12.47 -12.80 -19.76
CA PRO B 22 -11.77 -11.67 -20.41
C PRO B 22 -12.48 -10.34 -20.21
N ASP B 23 -13.81 -10.34 -20.25
CA ASP B 23 -14.64 -9.24 -19.78
C ASP B 23 -15.61 -9.84 -18.77
N THR B 24 -15.29 -9.69 -17.48
CA THR B 24 -16.06 -10.33 -16.44
C THR B 24 -17.50 -9.84 -16.43
N PHE B 25 -18.44 -10.77 -16.42
CA PHE B 25 -19.86 -10.45 -16.32
C PHE B 25 -20.23 -10.38 -14.84
N THR B 26 -20.19 -9.18 -14.29
CA THR B 26 -20.54 -8.96 -12.88
C THR B 26 -22.05 -8.76 -12.79
N PHE B 27 -22.71 -9.61 -12.01
CA PHE B 27 -24.14 -9.51 -11.80
C PHE B 27 -24.37 -8.56 -10.64
N ALA B 28 -24.34 -7.26 -10.94
CA ALA B 28 -24.43 -6.23 -9.92
C ALA B 28 -25.85 -5.65 -9.89
N ARG B 29 -26.41 -5.55 -8.70
CA ARG B 29 -27.73 -4.97 -8.49
C ARG B 29 -27.62 -3.77 -7.55
N GLY B 30 -28.43 -2.75 -7.83
CA GLY B 30 -28.44 -1.56 -7.01
C GLY B 30 -29.87 -1.07 -6.83
N TYR B 31 -30.05 -0.28 -5.77
CA TYR B 31 -31.36 0.27 -5.43
C TYR B 31 -31.27 1.77 -5.32
N LEU B 32 -32.22 2.46 -5.94
CA LEU B 32 -32.41 3.89 -5.73
C LEU B 32 -33.90 4.13 -5.47
N SER B 33 -34.19 4.77 -4.34
CA SER B 33 -35.59 4.94 -3.94
C SER B 33 -36.35 5.82 -4.92
N SER B 34 -35.69 6.85 -5.46
CA SER B 34 -36.36 7.76 -6.38
C SER B 34 -36.66 7.12 -7.73
N ASN B 35 -36.10 5.95 -8.01
CA ASN B 35 -36.40 5.26 -9.26
C ASN B 35 -37.76 4.59 -9.15
N PRO B 36 -38.74 4.94 -10.00
CA PRO B 36 -40.08 4.38 -9.87
C PRO B 36 -40.33 3.14 -10.72
N ARG B 37 -39.37 2.69 -11.52
CA ARG B 37 -39.58 1.55 -12.40
C ARG B 37 -39.61 0.26 -11.60
N ILE B 38 -40.59 -0.59 -11.87
CA ILE B 38 -40.72 -1.88 -11.20
C ILE B 38 -40.01 -2.90 -12.06
N GLY B 39 -38.80 -3.27 -11.67
CA GLY B 39 -37.99 -4.24 -12.39
C GLY B 39 -38.31 -5.66 -11.99
N ARG B 40 -37.33 -6.54 -12.19
CA ARG B 40 -37.48 -7.95 -11.84
C ARG B 40 -37.11 -8.24 -10.39
N LEU B 41 -36.64 -7.24 -9.64
CA LEU B 41 -36.43 -7.37 -8.21
C LEU B 41 -37.34 -6.47 -7.41
N GLY B 42 -38.36 -5.90 -8.03
CA GLY B 42 -39.22 -4.94 -7.39
C GLY B 42 -38.93 -3.52 -7.86
N ARG B 43 -39.56 -2.56 -7.19
CA ARG B 43 -39.41 -1.17 -7.57
C ARG B 43 -38.09 -0.61 -7.06
N GLY B 44 -37.38 0.12 -7.92
CA GLY B 44 -36.16 0.78 -7.56
C GLY B 44 -34.89 -0.01 -7.80
N TRP B 45 -35.00 -1.29 -8.14
CA TRP B 45 -33.83 -2.12 -8.38
C TRP B 45 -33.47 -2.14 -9.85
N TRP B 46 -32.17 -2.16 -10.14
CA TRP B 46 -31.68 -2.35 -11.49
C TRP B 46 -30.78 -3.57 -11.53
N LEU B 47 -30.85 -4.31 -12.64
CA LEU B 47 -30.17 -5.58 -12.84
C LEU B 47 -29.45 -5.54 -14.17
N PRO B 48 -28.49 -6.44 -14.39
CA PRO B 48 -27.93 -6.61 -15.73
C PRO B 48 -29.04 -6.95 -16.72
N GLY B 49 -28.97 -6.34 -17.89
CA GLY B 49 -29.99 -6.47 -18.91
C GLY B 49 -31.08 -5.43 -18.82
N GLU B 50 -31.52 -5.10 -17.61
CA GLU B 50 -32.53 -4.07 -17.39
C GLU B 50 -31.96 -2.84 -16.70
N SER B 51 -30.64 -2.68 -16.73
CA SER B 51 -30.03 -1.50 -16.13
C SER B 51 -30.31 -0.25 -16.95
N MET B 52 -29.89 -0.25 -18.21
CA MET B 52 -30.04 0.90 -19.09
C MET B 52 -31.13 0.62 -20.11
N HIS B 53 -32.02 1.58 -20.30
CA HIS B 53 -33.11 1.47 -21.25
C HIS B 53 -32.94 2.51 -22.35
N LEU B 54 -33.49 2.20 -23.52
CA LEU B 54 -33.40 3.08 -24.68
C LEU B 54 -34.77 3.21 -25.33
N GLU B 55 -35.18 4.45 -25.60
CA GLU B 55 -36.44 4.73 -26.26
C GLU B 55 -36.18 5.69 -27.41
N LEU B 56 -36.60 5.30 -28.62
CA LEU B 56 -36.46 6.14 -29.80
C LEU B 56 -37.84 6.50 -30.31
N SER B 57 -38.09 7.80 -30.46
CA SER B 57 -39.32 8.31 -31.04
C SER B 57 -38.97 9.15 -32.27
N GLU B 58 -40.02 9.53 -33.01
CA GLU B 58 -39.83 10.32 -34.22
C GLU B 58 -39.32 11.73 -33.94
N ASP B 59 -39.37 12.18 -32.68
CA ASP B 59 -38.97 13.52 -32.32
C ASP B 59 -37.87 13.61 -31.29
N ALA B 60 -37.64 12.55 -30.51
CA ALA B 60 -36.62 12.60 -29.47
C ALA B 60 -36.09 11.21 -29.19
N CYS B 61 -34.90 11.16 -28.60
CA CYS B 61 -34.26 9.92 -28.19
C CYS B 61 -33.95 10.01 -26.70
N VAL B 62 -34.45 9.06 -25.93
CA VAL B 62 -34.30 9.05 -24.47
C VAL B 62 -33.53 7.81 -24.07
N LEU B 63 -32.49 8.00 -23.27
CA LEU B 63 -31.65 6.91 -22.76
C LEU B 63 -31.80 6.89 -21.23
N VAL B 64 -32.61 5.97 -20.74
CA VAL B 64 -32.86 5.89 -19.29
C VAL B 64 -31.67 5.23 -18.61
N ASP B 65 -31.15 5.88 -17.59
CA ASP B 65 -29.97 5.41 -16.87
C ASP B 65 -30.34 4.23 -15.97
N ALA B 66 -29.33 3.66 -15.31
CA ALA B 66 -29.58 2.62 -14.33
C ALA B 66 -30.41 3.14 -13.16
N GLN B 67 -30.13 4.36 -12.74
CA GLN B 67 -30.86 5.00 -11.65
C GLN B 67 -32.22 5.56 -12.08
N GLY B 68 -32.63 5.32 -13.32
CA GLY B 68 -33.89 5.83 -13.80
C GLY B 68 -33.86 7.25 -14.30
N ARG B 69 -32.68 7.85 -14.42
CA ARG B 69 -32.56 9.22 -14.92
C ARG B 69 -32.75 9.22 -16.43
N ARG B 70 -33.68 10.04 -16.91
CA ARG B 70 -34.03 10.09 -18.32
C ARG B 70 -33.12 11.09 -19.03
N ILE B 71 -32.10 10.59 -19.71
CA ILE B 71 -31.19 11.42 -20.47
C ILE B 71 -31.78 11.64 -21.86
N GLY B 72 -32.11 12.90 -22.18
CA GLY B 72 -32.82 13.22 -23.40
C GLY B 72 -31.88 13.69 -24.50
N PHE B 73 -32.10 13.18 -25.70
CA PHE B 73 -31.35 13.52 -26.89
C PHE B 73 -32.34 13.93 -27.98
N PRO B 74 -31.88 14.68 -28.98
CA PRO B 74 -32.71 14.92 -30.16
C PRO B 74 -32.97 13.63 -30.91
N ALA B 75 -33.78 13.74 -31.96
CA ALA B 75 -34.11 12.57 -32.77
C ALA B 75 -32.84 11.96 -33.35
N LEU B 76 -32.70 10.64 -33.21
CA LEU B 76 -31.51 9.91 -33.64
C LEU B 76 -31.79 9.29 -35.00
N ALA B 77 -31.37 9.98 -36.06
CA ALA B 77 -31.52 9.46 -37.40
C ALA B 77 -30.57 8.28 -37.62
N PRO B 78 -30.88 7.38 -38.55
CA PRO B 78 -29.97 6.27 -38.83
C PRO B 78 -28.60 6.77 -39.26
N GLY B 79 -27.57 6.28 -38.57
CA GLY B 79 -26.21 6.68 -38.82
C GLY B 79 -25.73 7.89 -38.05
N ALA B 80 -26.63 8.56 -37.33
CA ALA B 80 -26.27 9.77 -36.61
C ALA B 80 -25.59 9.44 -35.29
N GLN B 81 -24.92 10.44 -34.73
CA GLN B 81 -24.25 10.31 -33.45
C GLN B 81 -24.72 11.41 -32.52
N HIS B 82 -24.79 11.09 -31.23
CA HIS B 82 -25.13 12.05 -30.20
C HIS B 82 -24.17 11.90 -29.03
N TYR B 83 -23.75 13.03 -28.48
CA TYR B 83 -22.83 13.05 -27.34
C TYR B 83 -23.47 13.80 -26.19
N SER B 84 -23.41 13.22 -25.00
CA SER B 84 -23.91 13.85 -23.79
C SER B 84 -22.71 14.32 -22.99
N GLY B 85 -22.42 15.61 -23.06
CA GLY B 85 -21.29 16.15 -22.33
C GLY B 85 -21.42 16.02 -20.83
N SER B 86 -22.65 16.14 -20.32
CA SER B 86 -22.86 16.02 -18.88
C SER B 86 -22.74 14.58 -18.40
N GLU B 87 -23.08 13.61 -19.26
CA GLU B 87 -23.07 12.21 -18.87
C GLU B 87 -21.92 11.42 -19.47
N GLU B 88 -21.15 12.01 -20.40
CA GLU B 88 -20.06 11.32 -21.09
C GLU B 88 -20.54 10.05 -21.77
N LEU B 89 -21.65 10.18 -22.51
CA LEU B 89 -22.26 9.07 -23.22
C LEU B 89 -22.27 9.34 -24.71
N TRP B 90 -21.94 8.33 -25.49
CA TRP B 90 -22.01 8.39 -26.94
C TRP B 90 -23.08 7.43 -27.45
N LEU B 91 -23.95 7.93 -28.30
CA LEU B 91 -24.99 7.11 -28.93
C LEU B 91 -24.85 7.21 -30.43
N ARG B 92 -24.81 6.07 -31.11
CA ARG B 92 -24.81 6.04 -32.56
C ARG B 92 -25.76 4.96 -33.04
N ARG B 93 -26.66 5.32 -33.94
CA ARG B 93 -27.59 4.38 -34.53
C ARG B 93 -27.01 3.80 -35.80
N GLY B 94 -27.26 2.51 -36.03
CA GLY B 94 -26.77 1.86 -37.21
C GLY B 94 -27.48 2.32 -38.47
N GLY B 95 -26.95 1.89 -39.60
CA GLY B 95 -27.50 2.29 -40.88
C GLY B 95 -26.86 3.55 -41.42
N SER B 96 -27.41 4.01 -42.53
CA SER B 96 -26.91 5.21 -43.19
C SER B 96 -28.08 6.10 -43.57
N SER B 97 -27.80 7.40 -43.69
CA SER B 97 -28.82 8.37 -44.05
C SER B 97 -29.26 8.27 -45.50
N GLY B 98 -28.53 7.53 -46.33
CA GLY B 98 -28.87 7.40 -47.73
C GLY B 98 -27.66 7.40 -48.64
N GLY B 99 -26.57 7.98 -48.17
CA GLY B 99 -25.34 8.02 -48.94
C GLY B 99 -24.61 6.69 -48.90
N GLU B 100 -23.44 6.69 -49.54
CA GLU B 100 -22.61 5.49 -49.56
C GLU B 100 -22.16 5.12 -48.16
N ALA B 101 -22.28 3.84 -47.82
CA ALA B 101 -21.93 3.38 -46.49
C ALA B 101 -20.41 3.32 -46.33
N GLN B 102 -19.92 3.82 -45.21
CA GLN B 102 -18.50 3.79 -44.88
C GLN B 102 -18.31 3.10 -43.54
N ALA B 103 -17.23 2.34 -43.42
CA ALA B 103 -16.92 1.68 -42.16
C ALA B 103 -16.69 2.71 -41.07
N TRP B 104 -17.26 2.46 -39.89
CA TRP B 104 -17.14 3.39 -38.79
C TRP B 104 -15.69 3.47 -38.31
N ARG B 105 -15.26 4.68 -37.99
CA ARG B 105 -13.88 4.95 -37.60
C ARG B 105 -13.83 5.55 -36.20
N GLY B 106 -12.61 5.65 -35.67
CA GLY B 106 -12.43 6.29 -34.39
C GLY B 106 -12.99 5.44 -33.27
N ARG B 107 -13.81 6.07 -32.42
CA ARG B 107 -14.40 5.37 -31.29
C ARG B 107 -15.41 4.32 -31.70
N TRP B 108 -15.91 4.36 -32.94
CA TRP B 108 -16.91 3.43 -33.42
C TRP B 108 -16.31 2.30 -34.26
N ALA B 109 -14.98 2.20 -34.32
CA ALA B 109 -14.36 1.14 -35.10
C ALA B 109 -14.45 -0.22 -34.43
N ALA B 110 -14.69 -0.26 -33.13
CA ALA B 110 -14.72 -1.53 -32.40
C ALA B 110 -16.00 -2.32 -32.58
N VAL B 111 -17.04 -1.71 -33.15
CA VAL B 111 -18.33 -2.40 -33.30
C VAL B 111 -18.24 -3.37 -34.46
N PRO B 112 -19.00 -4.47 -34.44
CA PRO B 112 -19.00 -5.39 -35.58
C PRO B 112 -19.54 -4.71 -36.84
N ALA B 113 -19.05 -5.17 -37.99
CA ALA B 113 -19.42 -4.55 -39.25
C ALA B 113 -20.90 -4.74 -39.58
N GLU B 114 -21.48 -5.87 -39.19
CA GLU B 114 -22.89 -6.12 -39.50
C GLU B 114 -23.80 -5.16 -38.76
N LEU B 115 -23.45 -4.80 -37.53
CA LEU B 115 -24.28 -3.89 -36.74
C LEU B 115 -24.29 -2.48 -37.30
N GLN B 116 -23.28 -2.11 -38.09
CA GLN B 116 -23.18 -0.75 -38.58
C GLN B 116 -24.27 -0.43 -39.59
N THR B 117 -24.68 -1.41 -40.38
CA THR B 117 -25.68 -1.20 -41.43
C THR B 117 -27.10 -1.50 -40.97
N GLN B 118 -27.30 -1.89 -39.72
CA GLN B 118 -28.62 -2.25 -39.21
C GLN B 118 -29.30 -0.99 -38.66
N GLU B 119 -30.37 -0.56 -39.32
CA GLU B 119 -31.11 0.61 -38.87
C GLU B 119 -31.72 0.39 -37.50
N GLY B 120 -32.05 -0.86 -37.16
CA GLY B 120 -32.70 -1.16 -35.90
C GLY B 120 -31.74 -1.44 -34.76
N SER B 121 -30.48 -1.03 -34.92
CA SER B 121 -29.47 -1.22 -33.89
C SER B 121 -28.89 0.13 -33.48
N VAL B 122 -28.73 0.32 -32.17
CA VAL B 122 -28.14 1.53 -31.62
C VAL B 122 -27.01 1.13 -30.68
N LEU B 123 -25.86 1.76 -30.85
CA LEU B 123 -24.68 1.48 -30.03
C LEU B 123 -24.49 2.59 -29.02
N VAL B 124 -24.38 2.23 -27.75
CA VAL B 124 -24.16 3.17 -26.66
C VAL B 124 -22.76 2.94 -26.12
N LEU B 125 -21.95 4.00 -26.09
CA LEU B 125 -20.58 3.94 -25.62
C LEU B 125 -20.50 4.67 -24.29
N SER B 126 -20.42 3.92 -23.20
CA SER B 126 -20.33 4.45 -21.84
C SER B 126 -18.93 4.14 -21.32
N GLY B 127 -18.01 5.10 -21.48
CA GLY B 127 -16.65 4.88 -21.07
C GLY B 127 -15.87 4.03 -22.04
N HIS B 128 -15.58 2.79 -21.66
CA HIS B 128 -14.88 1.85 -22.52
C HIS B 128 -15.72 0.65 -22.89
N SER B 129 -17.03 0.68 -22.62
CA SER B 129 -17.93 -0.44 -22.88
C SER B 129 -18.97 -0.02 -23.90
N TYR B 130 -19.19 -0.87 -24.90
CA TYR B 130 -20.19 -0.64 -25.92
C TYR B 130 -21.43 -1.47 -25.59
N LEU B 131 -22.60 -0.85 -25.67
CA LEU B 131 -23.86 -1.52 -25.45
C LEU B 131 -24.64 -1.58 -26.75
N HIS B 132 -25.07 -2.77 -27.14
CA HIS B 132 -25.82 -2.97 -28.38
C HIS B 132 -27.29 -3.11 -28.04
N PHE B 133 -28.08 -2.11 -28.41
CA PHE B 133 -29.53 -2.14 -28.25
C PHE B 133 -30.16 -2.38 -29.61
N GLN B 134 -31.03 -3.39 -29.69
CA GLN B 134 -31.69 -3.76 -30.93
C GLN B 134 -33.20 -3.68 -30.74
N ARG B 135 -33.87 -3.02 -31.68
CA ARG B 135 -35.31 -2.90 -31.62
C ARG B 135 -35.97 -4.24 -31.95
N CYS B 136 -36.90 -4.65 -31.11
CA CYS B 136 -37.58 -5.93 -31.21
C CYS B 136 -38.90 -5.77 -31.97
N PRO B 137 -39.51 -6.88 -32.39
CA PRO B 137 -40.79 -6.78 -33.12
C PRO B 137 -41.88 -6.04 -32.36
N ASP B 138 -41.88 -6.11 -31.03
CA ASP B 138 -42.85 -5.34 -30.26
C ASP B 138 -42.47 -3.87 -30.12
N GLY B 139 -41.32 -3.47 -30.66
CA GLY B 139 -40.94 -2.07 -30.66
C GLY B 139 -40.20 -1.60 -29.43
N ILE B 140 -39.58 -2.50 -28.67
CA ILE B 140 -38.86 -2.15 -27.46
C ILE B 140 -37.38 -2.43 -27.69
N TRP B 141 -36.54 -1.43 -27.42
CA TRP B 141 -35.10 -1.57 -27.57
C TRP B 141 -34.53 -2.20 -26.30
N ARG B 142 -34.02 -3.42 -26.41
CA ARG B 142 -33.44 -4.11 -25.27
C ARG B 142 -32.03 -4.59 -25.61
N LEU B 143 -31.19 -4.64 -24.58
CA LEU B 143 -29.78 -4.92 -24.76
C LEU B 143 -29.58 -6.33 -25.31
N GLN B 144 -28.71 -6.46 -26.31
CA GLN B 144 -28.40 -7.75 -26.92
C GLN B 144 -26.98 -8.22 -26.65
N ALA B 145 -26.03 -7.31 -26.53
CA ALA B 145 -24.65 -7.67 -26.24
C ALA B 145 -23.95 -6.47 -25.63
N SER B 146 -22.94 -6.74 -24.79
CA SER B 146 -22.15 -5.73 -24.13
C SER B 146 -20.69 -6.06 -24.37
N PHE B 147 -20.15 -5.57 -25.48
CA PHE B 147 -18.78 -5.86 -25.87
C PHE B 147 -17.89 -4.64 -25.66
N GLY B 148 -16.62 -4.90 -25.36
CA GLY B 148 -15.63 -3.86 -25.22
C GLY B 148 -14.92 -3.57 -26.52
N ARG B 149 -13.86 -2.77 -26.43
CA ARG B 149 -13.09 -2.41 -27.61
C ARG B 149 -12.25 -3.58 -28.11
N ALA B 150 -11.99 -4.57 -27.26
CA ALA B 150 -11.24 -5.75 -27.65
C ALA B 150 -12.10 -6.85 -28.27
N GLY B 151 -13.42 -6.71 -28.22
CA GLY B 151 -14.31 -7.67 -28.83
C GLY B 151 -14.84 -8.75 -27.92
N TYR B 152 -14.62 -8.65 -26.61
CA TYR B 152 -15.15 -9.63 -25.67
C TYR B 152 -16.65 -9.39 -25.50
N ARG B 153 -17.46 -10.28 -26.07
CA ARG B 153 -18.90 -10.10 -26.11
C ARG B 153 -19.57 -10.81 -24.93
N THR B 154 -20.56 -10.15 -24.35
CA THR B 154 -21.42 -10.73 -23.32
C THR B 154 -22.83 -10.75 -23.88
N GLU B 155 -23.18 -11.86 -24.53
CA GLU B 155 -24.49 -11.96 -25.16
C GLU B 155 -25.60 -12.02 -24.13
N PHE B 156 -26.70 -11.31 -24.41
CA PHE B 156 -27.90 -11.35 -23.60
C PHE B 156 -29.01 -11.98 -24.44
N ARG B 157 -29.68 -12.98 -23.88
CA ARG B 157 -30.70 -13.73 -24.60
C ARG B 157 -32.07 -13.42 -24.02
N TRP B 158 -32.97 -12.95 -24.87
CA TRP B 158 -34.32 -12.60 -24.47
C TRP B 158 -35.31 -13.57 -25.08
N SER B 159 -36.46 -13.67 -24.44
CA SER B 159 -37.53 -14.58 -24.86
C SER B 159 -38.82 -13.80 -25.01
N GLY B 160 -39.92 -14.52 -25.19
CA GLY B 160 -41.22 -13.89 -25.16
C GLY B 160 -41.50 -13.27 -23.81
N ARG B 161 -42.37 -12.27 -23.81
CA ARG B 161 -42.70 -11.44 -22.65
C ARG B 161 -41.51 -10.58 -22.19
N GLY B 162 -40.43 -10.54 -22.98
CA GLY B 162 -39.30 -9.69 -22.66
C GLY B 162 -38.57 -10.05 -21.38
N LEU B 163 -38.29 -11.33 -21.18
CA LEU B 163 -37.56 -11.80 -20.02
C LEU B 163 -36.14 -12.18 -20.40
N LEU B 164 -35.17 -11.72 -19.62
CA LEU B 164 -33.78 -12.09 -19.85
C LEU B 164 -33.54 -13.51 -19.36
N THR B 165 -33.74 -14.49 -20.23
CA THR B 165 -33.65 -15.87 -19.81
C THR B 165 -32.22 -16.35 -19.65
N GLY B 166 -31.31 -15.90 -20.50
CA GLY B 166 -29.95 -16.41 -20.51
C GLY B 166 -28.93 -15.34 -20.81
N VAL B 167 -27.75 -15.52 -20.24
CA VAL B 167 -26.59 -14.65 -20.48
C VAL B 167 -25.39 -15.52 -20.74
N ARG B 168 -24.63 -15.21 -21.79
CA ARG B 168 -23.41 -15.92 -22.14
C ARG B 168 -22.25 -14.94 -22.07
N ASP B 169 -21.36 -15.13 -21.10
CA ASP B 169 -20.25 -14.20 -20.91
C ASP B 169 -19.14 -14.49 -21.93
N SER B 170 -18.06 -13.73 -21.83
CA SER B 170 -16.98 -13.82 -22.81
C SER B 170 -16.12 -15.07 -22.65
N ALA B 171 -16.24 -15.78 -21.53
CA ALA B 171 -15.48 -17.00 -21.31
C ALA B 171 -16.22 -18.25 -21.74
N GLY B 172 -17.41 -18.10 -22.34
CA GLY B 172 -18.18 -19.23 -22.81
C GLY B 172 -19.17 -19.80 -21.81
N ARG B 173 -19.16 -19.34 -20.56
CA ARG B 173 -20.12 -19.82 -19.58
C ARG B 173 -21.52 -19.34 -19.92
N SER B 174 -22.51 -20.18 -19.63
CA SER B 174 -23.91 -19.87 -19.88
C SER B 174 -24.63 -19.73 -18.54
N TYR B 175 -25.31 -18.62 -18.36
CA TYR B 175 -26.11 -18.36 -17.17
C TYR B 175 -27.58 -18.46 -17.51
N ALA B 176 -28.36 -19.06 -16.62
CA ALA B 176 -29.80 -19.19 -16.79
C ALA B 176 -30.50 -18.44 -15.67
N LEU B 177 -31.47 -17.62 -16.05
CA LEU B 177 -32.24 -16.82 -15.09
C LEU B 177 -33.63 -17.41 -14.96
N VAL B 178 -34.08 -17.60 -13.73
CA VAL B 178 -35.35 -18.24 -13.41
C VAL B 178 -36.30 -17.19 -12.88
N TYR B 179 -37.51 -17.14 -13.44
CA TYR B 179 -38.54 -16.19 -13.05
C TYR B 179 -39.79 -16.94 -12.57
N GLN B 180 -40.35 -16.47 -11.47
CA GLN B 180 -41.58 -17.03 -10.93
C GLN B 180 -42.54 -15.92 -10.54
N GLN B 181 -43.82 -16.24 -10.53
CA GLN B 181 -44.85 -15.28 -10.15
C GLN B 181 -44.77 -15.03 -8.65
N ALA B 182 -44.41 -13.80 -8.26
CA ALA B 182 -44.26 -13.46 -6.86
C ALA B 182 -45.43 -12.66 -6.31
N CYS B 183 -46.13 -11.90 -7.14
CA CYS B 183 -47.25 -11.10 -6.69
C CYS B 183 -48.24 -10.96 -7.83
N GLU B 184 -49.46 -10.59 -7.48
CA GLU B 184 -50.50 -10.40 -8.48
C GLU B 184 -50.16 -9.23 -9.39
N PRO B 185 -50.43 -9.33 -10.69
CA PRO B 185 -50.10 -8.23 -11.59
C PRO B 185 -50.91 -6.98 -11.30
N SER B 186 -50.32 -5.83 -11.57
CA SER B 186 -50.96 -4.54 -11.39
C SER B 186 -50.51 -3.62 -12.53
N GLU B 187 -50.78 -2.32 -12.39
CA GLU B 187 -50.39 -1.38 -13.42
C GLU B 187 -48.86 -1.24 -13.43
N GLY B 188 -48.26 -1.48 -14.60
CA GLY B 188 -46.82 -1.38 -14.73
C GLY B 188 -46.05 -2.52 -14.11
N ASP B 189 -46.70 -3.60 -13.73
CA ASP B 189 -46.03 -4.73 -13.09
C ASP B 189 -46.81 -6.00 -13.40
N ASP B 190 -46.14 -6.96 -14.02
CA ASP B 190 -46.77 -8.24 -14.34
C ASP B 190 -46.61 -9.27 -13.23
N GLY B 191 -45.84 -8.96 -12.19
CA GLY B 191 -45.69 -9.84 -11.05
C GLY B 191 -44.52 -10.80 -11.12
N LEU B 192 -43.87 -10.94 -12.27
CA LEU B 192 -42.73 -11.84 -12.38
C LEU B 192 -41.50 -11.23 -11.71
N ARG B 193 -40.78 -12.05 -10.97
CA ARG B 193 -39.58 -11.62 -10.28
C ARG B 193 -38.46 -12.63 -10.51
N LEU B 194 -37.23 -12.14 -10.49
CA LEU B 194 -36.06 -12.99 -10.68
C LEU B 194 -35.82 -13.79 -9.41
N PHE B 195 -36.03 -15.11 -9.49
CA PHE B 195 -35.88 -15.97 -8.32
C PHE B 195 -34.51 -16.62 -8.22
N GLY B 196 -33.59 -16.28 -9.10
CA GLY B 196 -32.23 -16.78 -9.00
C GLY B 196 -31.59 -16.92 -10.36
N VAL B 197 -30.27 -17.12 -10.33
CA VAL B 197 -29.46 -17.29 -11.52
C VAL B 197 -28.72 -18.62 -11.41
N ILE B 198 -28.79 -19.42 -12.46
CA ILE B 198 -28.19 -20.75 -12.50
C ILE B 198 -27.02 -20.72 -13.47
N LEU B 199 -25.88 -21.23 -13.03
CA LEU B 199 -24.73 -21.43 -13.91
C LEU B 199 -25.01 -22.66 -14.75
N ALA B 200 -25.61 -22.47 -15.92
CA ALA B 200 -26.09 -23.59 -16.73
C ALA B 200 -24.94 -24.48 -17.18
N SER B 201 -23.85 -23.88 -17.64
CA SER B 201 -22.70 -24.65 -18.10
C SER B 201 -21.48 -23.76 -18.11
N HIS B 202 -20.30 -24.40 -18.13
CA HIS B 202 -19.04 -23.69 -18.20
C HIS B 202 -18.50 -23.56 -19.62
N ASP B 203 -18.94 -24.41 -20.53
CA ASP B 203 -18.56 -24.32 -21.93
C ASP B 203 -19.58 -25.06 -22.77
N GLY B 204 -19.65 -24.70 -24.05
CA GLY B 204 -20.59 -25.29 -24.96
C GLY B 204 -21.96 -24.67 -24.86
N PRO B 205 -22.89 -25.13 -25.71
CA PRO B 205 -24.24 -24.56 -25.68
C PRO B 205 -24.94 -24.91 -24.38
N PRO B 206 -25.80 -24.03 -23.88
CA PRO B 206 -26.55 -24.33 -22.65
C PRO B 206 -27.60 -25.40 -22.91
N PRO B 207 -28.01 -26.13 -21.88
CA PRO B 207 -29.09 -27.10 -22.06
C PRO B 207 -30.38 -26.43 -22.50
N ASP B 208 -31.15 -27.12 -23.34
CA ASP B 208 -32.35 -26.54 -23.92
C ASP B 208 -33.37 -26.19 -22.85
N TYR B 209 -33.56 -27.07 -21.87
CA TYR B 209 -34.53 -26.85 -20.80
C TYR B 209 -33.89 -27.16 -19.47
N ILE B 210 -34.12 -26.28 -18.49
CA ILE B 210 -33.63 -26.46 -17.13
C ILE B 210 -34.83 -26.43 -16.20
N ASP B 211 -34.98 -27.48 -15.39
CA ASP B 211 -36.06 -27.55 -14.42
C ASP B 211 -35.62 -26.83 -13.15
N PRO B 212 -36.27 -25.75 -12.74
CA PRO B 212 -35.85 -25.04 -11.53
C PRO B 212 -35.90 -25.90 -10.28
N GLN B 213 -36.83 -26.85 -10.21
CA GLN B 213 -36.98 -27.68 -9.02
C GLN B 213 -36.05 -28.89 -9.02
N SER B 214 -35.30 -29.11 -10.10
CA SER B 214 -34.43 -30.27 -10.17
C SER B 214 -33.24 -30.08 -9.23
N PRO B 215 -32.94 -31.05 -8.36
CA PRO B 215 -31.77 -30.92 -7.49
C PRO B 215 -30.48 -31.03 -8.27
N GLY B 216 -29.41 -30.52 -7.68
CA GLY B 216 -28.09 -30.56 -8.28
C GLY B 216 -27.72 -29.36 -9.12
N LEU B 217 -28.62 -28.39 -9.26
CA LEU B 217 -28.31 -27.19 -10.02
C LEU B 217 -27.33 -26.31 -9.26
N ASP B 218 -26.60 -25.47 -10.00
CA ASP B 218 -25.63 -24.55 -9.42
C ASP B 218 -26.26 -23.16 -9.40
N TRP B 219 -26.85 -22.81 -8.26
CA TRP B 219 -27.48 -21.51 -8.07
C TRP B 219 -26.43 -20.51 -7.62
N LEU B 220 -26.03 -19.61 -8.51
CA LEU B 220 -25.07 -18.58 -8.14
C LEU B 220 -25.66 -17.61 -7.14
N VAL B 221 -26.95 -17.32 -7.25
CA VAL B 221 -27.63 -16.41 -6.33
C VAL B 221 -29.10 -16.75 -6.36
N ARG B 222 -29.79 -16.50 -5.24
CA ARG B 222 -31.22 -16.71 -5.15
C ARG B 222 -31.86 -15.56 -4.39
N TYR B 223 -33.11 -15.27 -4.72
CA TYR B 223 -33.83 -14.15 -4.14
C TYR B 223 -35.18 -14.63 -3.62
N GLN B 224 -35.59 -14.04 -2.50
CA GLN B 224 -36.91 -14.27 -1.93
C GLN B 224 -37.70 -12.98 -1.96
N PHE B 225 -39.01 -13.10 -2.13
CA PHE B 225 -39.89 -11.95 -2.26
C PHE B 225 -41.09 -12.12 -1.34
N SER B 226 -41.61 -10.98 -0.89
CA SER B 226 -42.77 -10.96 0.00
C SER B 226 -44.04 -11.13 -0.83
N ASP B 227 -45.20 -11.02 -0.17
CA ASP B 227 -46.47 -11.12 -0.87
C ASP B 227 -46.70 -9.93 -1.80
N SER B 228 -46.03 -8.81 -1.56
CA SER B 228 -46.16 -7.63 -2.41
C SER B 228 -45.10 -7.55 -3.50
N GLY B 229 -44.25 -8.57 -3.61
CA GLY B 229 -43.23 -8.59 -4.64
C GLY B 229 -41.95 -7.85 -4.30
N ASP B 230 -41.82 -7.35 -3.08
CA ASP B 230 -40.60 -6.66 -2.68
C ASP B 230 -39.51 -7.67 -2.33
N LEU B 231 -38.28 -7.33 -2.69
CA LEU B 231 -37.14 -8.19 -2.38
C LEU B 231 -36.85 -8.15 -0.89
N ILE B 232 -36.91 -9.30 -0.23
CA ILE B 232 -36.71 -9.38 1.21
C ILE B 232 -35.51 -10.20 1.62
N ALA B 233 -34.92 -10.99 0.71
CA ALA B 233 -33.79 -11.82 1.09
C ALA B 233 -32.95 -12.10 -0.14
N VAL B 234 -31.63 -12.11 0.04
CA VAL B 234 -30.68 -12.49 -0.99
C VAL B 234 -29.85 -13.63 -0.44
N ARG B 235 -29.78 -14.73 -1.21
CA ARG B 235 -29.06 -15.92 -0.80
C ARG B 235 -27.82 -16.10 -1.68
N ASP B 236 -26.73 -16.54 -1.05
CA ASP B 236 -25.46 -16.70 -1.75
C ASP B 236 -25.45 -17.97 -2.58
N ARG B 237 -24.26 -18.40 -3.01
CA ARG B 237 -24.16 -19.63 -3.78
C ARG B 237 -24.67 -20.83 -2.99
N LEU B 238 -24.52 -20.80 -1.67
CA LEU B 238 -25.12 -21.79 -0.79
C LEU B 238 -26.54 -21.32 -0.43
N GLY B 239 -27.16 -21.96 0.55
CA GLY B 239 -28.48 -21.55 0.95
C GLY B 239 -28.53 -20.42 1.97
N GLN B 240 -27.39 -19.85 2.32
CA GLN B 240 -27.31 -18.89 3.40
C GLN B 240 -27.83 -17.53 2.95
N VAL B 241 -28.68 -16.91 3.77
CA VAL B 241 -29.17 -15.57 3.50
C VAL B 241 -28.09 -14.56 3.87
N VAL B 242 -27.76 -13.66 2.94
CA VAL B 242 -26.71 -12.67 3.18
C VAL B 242 -27.24 -11.25 3.19
N ARG B 243 -28.46 -11.01 2.70
CA ARG B 243 -29.04 -9.67 2.71
C ARG B 243 -30.52 -9.79 3.07
N VAL B 244 -30.98 -8.88 3.92
CA VAL B 244 -32.37 -8.84 4.36
C VAL B 244 -32.87 -7.41 4.20
N PHE B 245 -34.09 -7.27 3.67
CA PHE B 245 -34.69 -5.96 3.43
C PHE B 245 -36.10 -5.94 3.98
N ALA B 246 -36.54 -4.74 4.36
CA ALA B 246 -37.91 -4.51 4.81
C ALA B 246 -38.47 -3.30 4.06
N TRP B 247 -39.77 -3.36 3.77
CA TRP B 247 -40.38 -2.39 2.88
C TRP B 247 -41.68 -1.85 3.46
N ARG B 248 -41.94 -0.56 3.23
CA ARG B 248 -43.21 0.08 3.53
C ARG B 248 -43.71 0.73 2.26
N GLU B 249 -44.76 0.17 1.68
CA GLU B 249 -45.31 0.65 0.42
C GLU B 249 -44.22 0.71 -0.66
N HIS B 250 -43.45 -0.36 -0.75
CA HIS B 250 -42.39 -0.51 -1.75
C HIS B 250 -41.27 0.51 -1.56
N MET B 251 -41.11 1.01 -0.33
CA MET B 251 -40.02 1.91 0.02
C MET B 251 -39.11 1.20 1.03
N LEU B 252 -37.81 1.22 0.77
CA LEU B 252 -36.85 0.56 1.65
C LEU B 252 -36.82 1.26 2.99
N VAL B 253 -37.28 0.58 4.04
CA VAL B 253 -37.28 1.14 5.38
C VAL B 253 -36.30 0.44 6.30
N ALA B 254 -35.75 -0.70 5.92
CA ALA B 254 -34.78 -1.40 6.74
C ALA B 254 -34.01 -2.37 5.87
N HIS B 255 -32.69 -2.27 5.89
CA HIS B 255 -31.83 -3.20 5.17
C HIS B 255 -30.67 -3.59 6.07
N GLY B 256 -30.10 -4.75 5.80
CA GLY B 256 -28.98 -5.22 6.58
C GLY B 256 -28.64 -6.65 6.24
N GLU B 257 -27.82 -7.23 7.09
CA GLU B 257 -27.33 -8.60 6.97
C GLU B 257 -27.64 -9.36 8.25
N PRO B 258 -27.73 -10.68 8.18
CA PRO B 258 -27.94 -11.45 9.43
C PRO B 258 -26.71 -11.36 10.31
N GLY B 259 -26.79 -10.56 11.37
CA GLY B 259 -25.63 -10.19 12.13
C GLY B 259 -24.81 -9.13 11.40
N GLY B 260 -24.09 -8.30 12.15
CA GLY B 260 -23.22 -7.32 11.53
C GLY B 260 -23.82 -5.95 11.28
N LEU B 261 -24.73 -5.84 10.31
CA LEU B 261 -25.26 -4.55 9.88
C LEU B 261 -26.77 -4.56 9.93
N GLU B 262 -27.34 -3.43 10.37
CA GLU B 262 -28.79 -3.25 10.40
C GLU B 262 -29.09 -1.76 10.42
N VAL B 263 -29.67 -1.26 9.33
CA VAL B 263 -29.98 0.16 9.18
C VAL B 263 -31.46 0.30 8.88
N ARG B 264 -32.12 1.23 9.56
CA ARG B 264 -33.52 1.53 9.35
C ARG B 264 -33.69 2.95 8.85
N TYR B 265 -34.73 3.18 8.06
CA TYR B 265 -34.99 4.46 7.44
C TYR B 265 -36.42 4.90 7.70
N GLU B 266 -36.62 6.21 7.74
CA GLU B 266 -37.95 6.79 7.88
C GLU B 266 -38.14 7.84 6.79
N TRP B 267 -39.35 7.90 6.24
CA TRP B 267 -39.65 8.75 5.10
C TRP B 267 -40.76 9.73 5.46
N ASP B 268 -40.67 10.94 4.92
CA ASP B 268 -41.76 11.89 5.06
C ASP B 268 -43.00 11.40 4.36
N VAL B 269 -42.86 10.85 3.17
CA VAL B 269 -43.95 10.22 2.43
C VAL B 269 -43.40 8.97 1.75
N HIS B 270 -44.18 7.90 1.77
CA HIS B 270 -43.76 6.62 1.19
C HIS B 270 -44.12 6.63 -0.29
N ALA B 271 -43.20 7.21 -1.07
CA ALA B 271 -43.39 7.36 -2.51
C ALA B 271 -42.01 7.56 -3.14
N PRO B 272 -41.86 7.35 -4.45
CA PRO B 272 -40.55 7.57 -5.07
C PRO B 272 -40.00 8.96 -4.87
N HIS B 273 -40.86 9.98 -4.75
CA HIS B 273 -40.40 11.34 -4.52
C HIS B 273 -40.19 11.65 -3.05
N GLY B 274 -40.41 10.68 -2.16
CA GLY B 274 -40.19 10.91 -0.76
C GLY B 274 -38.71 11.01 -0.42
N ARG B 275 -38.44 11.58 0.75
CA ARG B 275 -37.08 11.81 1.21
C ARG B 275 -36.88 11.21 2.60
N VAL B 276 -35.66 10.73 2.84
CA VAL B 276 -35.32 10.15 4.13
C VAL B 276 -35.24 11.25 5.18
N VAL B 277 -35.94 11.06 6.29
CA VAL B 277 -35.91 12.02 7.38
C VAL B 277 -35.15 11.51 8.60
N LYS B 278 -34.86 10.21 8.66
CA LYS B 278 -34.10 9.67 9.78
C LYS B 278 -33.45 8.36 9.33
N GLN B 279 -32.16 8.22 9.60
CA GLN B 279 -31.39 7.04 9.24
C GLN B 279 -30.84 6.44 10.54
N ILE B 280 -31.47 5.36 11.00
CA ILE B 280 -31.11 4.73 12.26
C ILE B 280 -30.22 3.53 11.97
N GLU B 281 -29.00 3.57 12.45
CA GLU B 281 -28.06 2.46 12.32
C GLU B 281 -27.91 1.76 13.66
N ALA B 282 -28.10 0.45 13.67
CA ALA B 282 -28.02 -0.31 14.91
C ALA B 282 -26.57 -0.34 15.40
N GLY B 283 -26.34 0.16 16.61
CA GLY B 283 -24.99 0.25 17.13
C GLY B 283 -24.15 1.36 16.55
N GLY B 284 -24.75 2.25 15.76
CA GLY B 284 -24.06 3.34 15.13
C GLY B 284 -24.78 4.66 15.36
N LEU B 285 -24.64 5.56 14.38
CA LEU B 285 -25.18 6.90 14.48
C LEU B 285 -26.59 6.97 13.90
N THR B 286 -27.45 7.71 14.60
CA THR B 286 -28.78 8.02 14.09
C THR B 286 -28.76 9.45 13.54
N ARG B 287 -28.98 9.58 12.23
CA ARG B 287 -28.91 10.85 11.55
C ARG B 287 -30.30 11.32 11.18
N THR B 288 -30.55 12.61 11.38
CA THR B 288 -31.81 13.24 11.02
C THR B 288 -31.56 14.25 9.92
N PHE B 289 -32.37 14.20 8.87
CA PHE B 289 -32.20 15.03 7.69
C PHE B 289 -33.28 16.09 7.65
N ARG B 290 -32.87 17.36 7.61
CA ARG B 290 -33.79 18.49 7.47
C ARG B 290 -33.51 19.16 6.14
N TYR B 291 -34.53 19.27 5.30
CA TYR B 291 -34.37 19.73 3.93
C TYR B 291 -34.83 21.17 3.82
N LEU B 292 -33.94 22.06 3.38
CA LEU B 292 -34.24 23.46 3.16
C LEU B 292 -34.35 23.73 1.66
N ARG B 293 -34.54 25.00 1.31
CA ARG B 293 -34.70 25.35 -0.09
C ARG B 293 -33.44 25.05 -0.89
N ASP B 294 -32.27 25.41 -0.36
CA ASP B 294 -31.01 25.22 -1.07
C ASP B 294 -29.96 24.54 -0.19
N ALA B 295 -30.37 23.85 0.86
CA ALA B 295 -29.42 23.19 1.74
C ALA B 295 -30.10 22.03 2.44
N THR B 296 -29.29 21.13 2.97
CA THR B 296 -29.76 19.99 3.76
C THR B 296 -28.87 19.86 4.99
N GLU B 297 -29.48 19.98 6.17
CA GLU B 297 -28.75 19.86 7.43
C GLU B 297 -28.93 18.44 7.95
N VAL B 298 -27.82 17.76 8.18
CA VAL B 298 -27.82 16.38 8.64
C VAL B 298 -27.39 16.38 10.10
N SER B 299 -28.37 16.36 11.00
CA SER B 299 -28.09 16.26 12.41
C SER B 299 -27.61 14.84 12.76
N ASP B 300 -26.98 14.71 13.91
CA ASP B 300 -26.37 13.46 14.32
C ASP B 300 -26.73 13.16 15.76
N SER B 301 -26.68 11.87 16.11
CA SER B 301 -26.96 11.45 17.48
C SER B 301 -25.91 11.95 18.46
N LEU B 302 -24.73 12.31 17.98
CA LEU B 302 -23.67 12.88 18.81
C LEU B 302 -23.76 14.39 18.90
N GLY B 303 -24.77 15.00 18.29
CA GLY B 303 -24.93 16.44 18.32
C GLY B 303 -24.28 17.19 17.18
N ARG B 304 -23.58 16.50 16.28
CA ARG B 304 -22.92 17.16 15.17
C ARG B 304 -23.93 17.47 14.08
N VAL B 305 -23.76 18.65 13.47
CA VAL B 305 -24.63 19.10 12.38
C VAL B 305 -23.77 19.44 11.19
N GLU B 306 -24.05 18.81 10.05
CA GLU B 306 -23.37 19.11 8.80
C GLU B 306 -24.38 19.67 7.80
N ARG B 307 -23.96 20.70 7.08
CA ARG B 307 -24.82 21.38 6.12
C ARG B 307 -24.31 21.13 4.71
N TYR B 308 -25.15 20.55 3.87
CA TYR B 308 -24.85 20.32 2.47
C TYR B 308 -25.60 21.36 1.65
N GLU B 309 -24.86 22.16 0.89
CA GLU B 309 -25.45 23.22 0.08
C GLU B 309 -25.35 22.86 -1.39
N PHE B 310 -26.41 23.19 -2.13
CA PHE B 310 -26.47 22.87 -3.55
C PHE B 310 -27.20 23.99 -4.29
N ALA B 311 -26.92 24.08 -5.59
CA ALA B 311 -27.53 25.10 -6.43
C ALA B 311 -27.98 24.46 -7.74
N GLY B 312 -28.94 25.10 -8.39
CA GLY B 312 -29.51 24.59 -9.61
C GLY B 312 -30.76 23.78 -9.38
N GLU B 313 -31.47 23.52 -10.47
CA GLU B 313 -32.73 22.78 -10.43
C GLU B 313 -32.74 21.71 -11.51
N GLY B 314 -33.53 20.67 -11.28
CA GLY B 314 -33.62 19.59 -12.25
C GLY B 314 -32.34 18.79 -12.32
N GLY B 315 -31.94 18.43 -13.53
CA GLY B 315 -30.72 17.69 -13.72
C GLY B 315 -29.45 18.50 -13.62
N GLN B 316 -29.57 19.81 -13.49
CA GLN B 316 -28.42 20.70 -13.36
C GLN B 316 -28.06 21.00 -11.91
N ARG B 317 -28.80 20.44 -10.95
CA ARG B 317 -28.48 20.66 -9.54
C ARG B 317 -27.16 19.99 -9.19
N ARG B 318 -26.29 20.74 -8.51
CA ARG B 318 -24.97 20.23 -8.17
C ARG B 318 -24.65 20.57 -6.72
N TRP B 319 -23.85 19.71 -6.11
CA TRP B 319 -23.40 19.90 -4.72
C TRP B 319 -22.33 20.97 -4.71
N THR B 320 -22.66 22.15 -4.17
CA THR B 320 -21.79 23.31 -4.26
C THR B 320 -20.93 23.53 -3.02
N ALA B 321 -21.44 23.25 -1.82
CA ALA B 321 -20.70 23.54 -0.61
C ALA B 321 -20.97 22.47 0.44
N LEU B 322 -20.07 22.41 1.42
CA LEU B 322 -20.21 21.49 2.55
C LEU B 322 -19.69 22.20 3.80
N VAL B 323 -20.57 22.44 4.75
CA VAL B 323 -20.21 23.03 6.04
C VAL B 323 -20.20 21.90 7.05
N ARG B 324 -19.03 21.60 7.60
CA ARG B 324 -18.88 20.45 8.48
C ARG B 324 -19.32 20.81 9.90
N ALA B 325 -19.06 19.90 10.84
CA ALA B 325 -19.60 20.06 12.19
C ALA B 325 -18.99 21.25 12.93
N ASP B 326 -17.76 21.63 12.61
CA ASP B 326 -17.08 22.72 13.27
C ASP B 326 -17.11 24.01 12.48
N GLY B 327 -17.91 24.07 11.41
CA GLY B 327 -18.01 25.26 10.59
C GLY B 327 -17.08 25.32 9.41
N SER B 328 -16.20 24.33 9.25
CA SER B 328 -15.32 24.30 8.09
C SER B 328 -16.14 24.19 6.82
N ARG B 329 -15.84 25.04 5.85
CA ARG B 329 -16.64 25.15 4.62
C ARG B 329 -15.78 24.80 3.41
N SER B 330 -16.18 23.76 2.69
CA SER B 330 -15.56 23.40 1.42
C SER B 330 -16.53 23.76 0.30
N GLU B 331 -15.98 24.28 -0.81
CA GLU B 331 -16.81 24.74 -1.92
C GLU B 331 -16.38 24.06 -3.21
N PHE B 332 -17.36 23.84 -4.09
CA PHE B 332 -17.14 23.20 -5.37
C PHE B 332 -17.73 24.07 -6.47
N ASP B 333 -17.03 24.16 -7.60
CA ASP B 333 -17.50 24.91 -8.76
C ASP B 333 -17.67 23.97 -9.94
N TYR B 334 -18.66 24.27 -10.77
CA TYR B 334 -19.00 23.43 -11.91
C TYR B 334 -19.10 24.28 -13.16
N ASP B 335 -18.85 23.65 -14.31
CA ASP B 335 -18.95 24.31 -15.59
C ASP B 335 -20.38 24.18 -16.12
N LEU B 336 -20.60 24.54 -17.38
CA LEU B 336 -21.93 24.50 -17.96
C LEU B 336 -22.46 23.08 -18.14
N PHE B 337 -21.58 22.09 -18.15
CA PHE B 337 -21.99 20.69 -18.29
C PHE B 337 -22.14 19.98 -16.95
N GLY B 338 -21.97 20.69 -15.84
CA GLY B 338 -22.08 20.06 -14.54
C GLY B 338 -20.84 19.31 -14.09
N ARG B 339 -19.74 19.41 -14.84
CA ARG B 339 -18.50 18.77 -14.45
C ARG B 339 -17.78 19.62 -13.40
N LEU B 340 -17.06 18.95 -12.51
CA LEU B 340 -16.36 19.65 -11.45
C LEU B 340 -15.10 20.32 -12.01
N VAL B 341 -14.99 21.62 -11.78
CA VAL B 341 -13.86 22.38 -12.31
C VAL B 341 -13.04 23.05 -11.20
N ALA B 342 -13.57 23.19 -10.00
CA ALA B 342 -12.82 23.81 -8.91
C ALA B 342 -13.24 23.18 -7.60
N MET B 343 -12.34 23.24 -6.61
CA MET B 343 -12.59 22.64 -5.30
C MET B 343 -11.75 23.39 -4.28
N ARG B 344 -12.39 24.14 -3.40
CA ARG B 344 -11.71 24.91 -2.37
C ARG B 344 -11.86 24.22 -1.02
N ASP B 345 -10.73 23.93 -0.38
CA ASP B 345 -10.73 23.33 0.94
C ASP B 345 -11.09 24.39 1.97
N PRO B 346 -11.32 24.00 3.23
CA PRO B 346 -11.69 25.00 4.24
C PRO B 346 -10.66 26.09 4.44
N LEU B 347 -9.39 25.84 4.14
CA LEU B 347 -8.38 26.89 4.24
C LEU B 347 -8.41 27.85 3.06
N GLY B 348 -9.13 27.54 1.99
CA GLY B 348 -9.21 28.40 0.83
C GLY B 348 -8.35 27.96 -0.34
N ARG B 349 -7.53 26.93 -0.18
CA ARG B 349 -6.70 26.46 -1.27
C ARG B 349 -7.58 25.83 -2.35
N GLU B 350 -7.39 26.26 -3.59
CA GLU B 350 -8.27 25.90 -4.70
C GLU B 350 -7.56 24.94 -5.65
N THR B 351 -8.26 23.88 -6.03
CA THR B 351 -7.78 22.93 -7.03
C THR B 351 -8.60 23.11 -8.29
N ARG B 352 -7.94 23.44 -9.40
CA ARG B 352 -8.61 23.73 -10.66
C ARG B 352 -8.56 22.51 -11.58
N ARG B 353 -9.52 22.47 -12.50
CA ARG B 353 -9.58 21.43 -13.53
C ARG B 353 -10.02 22.10 -14.83
N ARG B 354 -9.06 22.38 -15.71
CA ARG B 354 -9.38 22.97 -17.00
C ARG B 354 -9.70 21.87 -18.00
N ARG B 355 -10.87 21.97 -18.63
CA ARG B 355 -11.36 20.95 -19.55
C ARG B 355 -11.54 21.55 -20.93
N ASP B 356 -11.28 20.75 -21.95
CA ASP B 356 -11.40 21.20 -23.34
C ASP B 356 -11.67 20.00 -24.22
N GLY B 357 -12.45 20.22 -25.28
CA GLY B 357 -12.79 19.14 -26.18
C GLY B 357 -13.80 18.18 -25.60
N GLN B 358 -13.92 17.03 -26.25
CA GLN B 358 -14.86 16.00 -25.81
C GLN B 358 -14.23 14.96 -24.89
N GLY B 359 -12.97 15.15 -24.48
CA GLY B 359 -12.35 14.27 -23.51
C GLY B 359 -12.73 14.57 -22.07
N ARG B 360 -13.45 15.65 -21.83
CA ARG B 360 -14.02 16.02 -20.54
C ARG B 360 -12.97 16.52 -19.56
N MET B 361 -11.68 16.38 -19.90
CA MET B 361 -10.63 16.82 -19.00
C MET B 361 -9.30 16.83 -19.75
N LEU B 362 -8.53 17.90 -19.54
CA LEU B 362 -7.23 18.02 -20.16
C LEU B 362 -6.14 18.53 -19.22
N GLU B 363 -6.48 19.10 -18.06
CA GLU B 363 -5.47 19.66 -17.17
C GLU B 363 -6.07 19.83 -15.78
N GLU B 364 -5.30 19.46 -14.77
CA GLU B 364 -5.67 19.67 -13.37
C GLU B 364 -4.55 20.43 -12.68
N GLU B 365 -4.90 21.49 -11.96
CA GLU B 365 -3.93 22.36 -11.33
C GLU B 365 -4.06 22.26 -9.82
N SER B 366 -2.95 21.94 -9.16
CA SER B 366 -2.88 21.85 -7.71
C SER B 366 -2.86 23.25 -7.09
N PRO B 367 -3.24 23.37 -5.82
CA PRO B 367 -3.13 24.68 -5.15
C PRO B 367 -1.71 25.22 -5.13
N GLY B 368 -0.69 24.35 -5.17
CA GLY B 368 0.68 24.79 -5.26
C GLY B 368 1.14 24.95 -6.69
N LYS B 369 0.18 25.01 -7.61
CA LYS B 369 0.44 25.21 -9.04
C LYS B 369 1.25 24.06 -9.63
N ALA B 370 0.73 22.85 -9.43
CA ALA B 370 1.30 21.63 -10.01
C ALA B 370 0.30 21.10 -11.03
N ARG B 371 0.63 21.21 -12.31
CA ARG B 371 -0.29 20.89 -13.39
C ARG B 371 -0.04 19.47 -13.90
N TYR B 372 -1.12 18.71 -14.07
CA TYR B 372 -1.07 17.37 -14.62
C TYR B 372 -1.89 17.37 -15.90
N ARG B 373 -1.26 17.72 -17.01
CA ARG B 373 -1.94 17.71 -18.30
C ARG B 373 -2.17 16.29 -18.76
N LYS B 374 -3.28 16.09 -19.48
CA LYS B 374 -3.66 14.76 -19.94
C LYS B 374 -4.39 14.93 -21.27
N ARG B 375 -3.65 14.73 -22.37
CA ARG B 375 -4.21 14.90 -23.70
C ARG B 375 -4.81 13.59 -24.19
N VAL B 376 -5.97 13.69 -24.83
CA VAL B 376 -6.74 12.55 -25.28
C VAL B 376 -7.02 12.72 -26.77
N ASP B 377 -6.93 11.62 -27.53
CA ASP B 377 -7.19 11.68 -28.96
C ASP B 377 -8.61 12.18 -29.23
N GLU B 378 -8.72 13.10 -30.19
CA GLU B 378 -10.02 13.70 -30.47
C GLU B 378 -10.99 12.69 -31.07
N GLU B 379 -10.51 11.82 -31.94
CA GLU B 379 -11.38 10.90 -32.67
C GLU B 379 -11.64 9.60 -31.92
N THR B 380 -10.60 8.98 -31.38
CA THR B 380 -10.76 7.70 -30.69
C THR B 380 -11.06 7.86 -29.21
N GLY B 381 -10.85 9.03 -28.64
CA GLY B 381 -11.11 9.24 -27.23
C GLY B 381 -10.25 8.42 -26.30
N LEU B 382 -9.00 8.19 -26.67
CA LEU B 382 -8.07 7.41 -25.86
C LEU B 382 -6.86 8.26 -25.48
N LEU B 383 -6.24 7.91 -24.36
CA LEU B 383 -5.10 8.66 -23.87
C LEU B 383 -3.96 8.61 -24.87
N VAL B 384 -3.38 9.78 -25.13
CA VAL B 384 -2.29 9.92 -26.10
C VAL B 384 -1.02 10.47 -25.44
N GLU B 385 -1.15 11.57 -24.71
CA GLU B 385 -0.02 12.21 -24.07
C GLU B 385 -0.37 12.49 -22.61
N LEU B 386 0.58 12.18 -21.72
CA LEU B 386 0.42 12.40 -20.29
C LEU B 386 1.61 13.18 -19.79
N GLU B 387 1.35 14.28 -19.10
CA GLU B 387 2.40 15.15 -18.60
C GLU B 387 2.17 15.42 -17.11
N ASP B 388 3.21 15.23 -16.31
CA ASP B 388 3.10 15.38 -14.87
C ASP B 388 3.54 16.79 -14.46
N ALA B 389 3.67 17.00 -13.14
CA ALA B 389 3.97 18.32 -12.62
C ALA B 389 5.37 18.81 -12.96
N MET B 390 6.27 17.91 -13.36
CA MET B 390 7.64 18.28 -13.69
C MET B 390 7.88 18.34 -15.20
N GLN B 391 6.81 18.43 -15.99
CA GLN B 391 6.89 18.50 -17.46
C GLN B 391 7.59 17.28 -18.03
N ARG B 392 7.35 16.11 -17.44
CA ARG B 392 7.81 14.84 -17.97
C ARG B 392 6.65 14.20 -18.73
N ARG B 393 6.86 13.90 -20.00
CA ARG B 393 5.79 13.49 -20.90
C ARG B 393 5.86 12.00 -21.21
N TRP B 394 4.71 11.34 -21.14
CA TRP B 394 4.53 9.98 -21.60
C TRP B 394 3.66 10.00 -22.85
N THR B 395 4.17 9.45 -23.93
CA THR B 395 3.45 9.42 -25.20
C THR B 395 3.03 7.99 -25.52
N PHE B 396 1.77 7.82 -25.88
CA PHE B 396 1.20 6.51 -26.16
C PHE B 396 0.92 6.37 -27.65
N GLU B 397 1.43 5.30 -28.24
CA GLU B 397 1.11 4.93 -29.62
C GLU B 397 0.23 3.70 -29.59
N ARG B 398 -0.87 3.72 -30.32
CA ARG B 398 -1.89 2.69 -30.23
C ARG B 398 -2.20 2.12 -31.60
N ASP B 399 -2.64 0.87 -31.61
CA ASP B 399 -3.01 0.17 -32.82
C ASP B 399 -4.49 0.38 -33.11
N GLU B 400 -5.03 -0.41 -34.05
CA GLU B 400 -6.42 -0.24 -34.47
C GLU B 400 -7.41 -0.55 -33.35
N ARG B 401 -7.04 -1.42 -32.40
CA ARG B 401 -7.91 -1.76 -31.29
C ARG B 401 -7.70 -0.89 -30.07
N GLY B 402 -6.86 0.12 -30.17
CA GLY B 402 -6.61 1.00 -29.04
C GLY B 402 -5.62 0.48 -28.02
N ASN B 403 -4.90 -0.58 -28.33
CA ASN B 403 -3.89 -1.10 -27.42
C ASN B 403 -2.61 -0.29 -27.56
N ALA B 404 -2.05 0.13 -26.43
CA ALA B 404 -0.83 0.93 -26.43
C ALA B 404 0.33 0.04 -26.84
N THR B 405 0.75 0.13 -28.10
CA THR B 405 1.85 -0.68 -28.58
C THR B 405 3.19 -0.19 -28.03
N THR B 406 3.43 1.11 -28.05
CA THR B 406 4.65 1.69 -27.50
C THR B 406 4.28 2.83 -26.56
N VAL B 407 4.86 2.82 -25.37
CA VAL B 407 4.70 3.91 -24.40
C VAL B 407 6.06 4.58 -24.27
N ARG B 408 6.13 5.84 -24.69
CA ARG B 408 7.39 6.58 -24.76
C ARG B 408 7.46 7.53 -23.58
N GLY B 409 8.23 7.15 -22.56
CA GLY B 409 8.36 7.95 -21.37
C GLY B 409 9.66 8.76 -21.37
N PRO B 410 9.92 9.45 -20.26
CA PRO B 410 11.17 10.22 -20.16
C PRO B 410 12.42 9.35 -20.18
N ALA B 411 12.31 8.07 -19.85
CA ALA B 411 13.45 7.15 -19.86
C ALA B 411 13.12 6.01 -20.82
N GLY B 412 13.44 6.19 -22.09
CA GLY B 412 13.23 5.15 -23.07
C GLY B 412 11.75 4.93 -23.38
N SER B 413 11.53 3.93 -24.22
CA SER B 413 10.18 3.57 -24.66
C SER B 413 9.92 2.09 -24.36
N THR B 414 8.73 1.80 -23.86
CA THR B 414 8.30 0.44 -23.58
C THR B 414 7.37 -0.02 -24.69
N ARG B 415 7.71 -1.15 -25.31
CA ARG B 415 6.96 -1.67 -26.44
C ARG B 415 6.14 -2.89 -26.02
N TYR B 416 4.89 -2.93 -26.47
CA TYR B 416 3.97 -4.02 -26.16
C TYR B 416 3.56 -4.72 -27.45
N ALA B 417 3.41 -6.04 -27.37
CA ALA B 417 2.96 -6.85 -28.49
C ALA B 417 1.72 -7.63 -28.08
N TYR B 418 0.74 -7.70 -28.97
CA TYR B 418 -0.51 -8.38 -28.73
C TYR B 418 -0.68 -9.44 -29.81
N GLU B 419 -0.14 -10.63 -29.56
CA GLU B 419 -0.07 -11.69 -30.55
C GLU B 419 -0.99 -12.86 -30.24
N ASP B 420 -1.95 -12.70 -29.32
CA ASP B 420 -2.87 -13.76 -29.00
C ASP B 420 -4.19 -13.52 -29.71
N PRO B 421 -4.56 -14.35 -30.68
CA PRO B 421 -5.82 -14.10 -31.41
C PRO B 421 -7.06 -14.13 -30.53
N ARG B 422 -7.07 -14.98 -29.50
CA ARG B 422 -8.25 -15.09 -28.64
C ARG B 422 -8.42 -13.85 -27.77
N LEU B 423 -7.32 -13.26 -27.33
CA LEU B 423 -7.34 -12.12 -26.39
C LEU B 423 -6.52 -11.00 -27.00
N PRO B 424 -7.13 -10.19 -27.89
CA PRO B 424 -6.37 -9.17 -28.62
C PRO B 424 -6.00 -7.95 -27.80
N ASP B 425 -6.33 -7.89 -26.50
CA ASP B 425 -5.92 -6.79 -25.66
C ASP B 425 -4.97 -7.21 -24.55
N ARG B 426 -4.63 -8.49 -24.46
CA ARG B 426 -3.66 -8.96 -23.48
C ARG B 426 -2.27 -8.92 -24.08
N PRO B 427 -1.32 -8.19 -23.49
CA PRO B 427 0.03 -8.15 -24.05
C PRO B 427 0.73 -9.49 -23.88
N THR B 428 1.30 -9.99 -24.97
CA THR B 428 2.04 -11.24 -24.95
C THR B 428 3.54 -11.04 -25.00
N ARG B 429 4.02 -9.81 -25.08
CA ARG B 429 5.44 -9.53 -25.15
C ARG B 429 5.67 -8.08 -24.77
N ILE B 430 6.43 -7.85 -23.70
CA ILE B 430 6.71 -6.53 -23.18
C ILE B 430 8.21 -6.31 -23.21
N VAL B 431 8.65 -5.21 -23.81
CA VAL B 431 10.05 -4.85 -23.90
C VAL B 431 10.26 -3.57 -23.12
N ASP B 432 11.06 -3.65 -22.06
CA ASP B 432 11.33 -2.52 -21.20
C ASP B 432 12.29 -1.55 -21.88
N PRO B 433 12.41 -0.32 -21.38
CA PRO B 433 13.36 0.63 -21.99
C PRO B 433 14.79 0.12 -22.01
N ARG B 434 15.18 -0.71 -21.05
CA ARG B 434 16.54 -1.25 -21.02
C ARG B 434 16.76 -2.30 -22.11
N GLY B 435 15.69 -2.80 -22.74
CA GLY B 435 15.80 -3.80 -23.79
C GLY B 435 15.41 -5.19 -23.38
N GLY B 436 15.22 -5.46 -22.09
CA GLY B 436 14.78 -6.78 -21.66
C GLY B 436 13.37 -7.06 -22.11
N GLU B 437 13.12 -8.32 -22.49
CA GLU B 437 11.85 -8.72 -23.08
C GLU B 437 11.19 -9.76 -22.18
N ARG B 438 9.94 -9.50 -21.80
CA ARG B 438 9.13 -10.43 -21.03
C ARG B 438 8.03 -10.99 -21.91
N ARG B 439 7.77 -12.29 -21.76
CA ARG B 439 6.74 -12.97 -22.51
C ARG B 439 5.64 -13.44 -21.57
N LEU B 440 4.39 -13.22 -21.96
CA LEU B 440 3.24 -13.55 -21.14
C LEU B 440 2.32 -14.49 -21.92
N GLU B 441 1.69 -15.41 -21.21
CA GLU B 441 0.70 -16.31 -21.77
C GLU B 441 -0.59 -16.20 -20.97
N TRP B 442 -1.71 -16.31 -21.66
CA TRP B 442 -3.03 -16.13 -21.05
C TRP B 442 -3.91 -17.32 -21.40
N ASN B 443 -4.85 -17.61 -20.51
CA ASN B 443 -5.79 -18.71 -20.70
C ASN B 443 -7.14 -18.16 -21.15
N ARG B 444 -8.12 -19.05 -21.24
CA ARG B 444 -9.44 -18.67 -21.74
C ARG B 444 -10.16 -17.70 -20.83
N PHE B 445 -9.74 -17.57 -19.57
CA PHE B 445 -10.34 -16.61 -18.66
C PHE B 445 -9.72 -15.22 -18.76
N GLY B 446 -8.75 -15.04 -19.65
CA GLY B 446 -8.05 -13.77 -19.73
C GLY B 446 -7.08 -13.53 -18.60
N LEU B 447 -6.76 -14.54 -17.83
CA LEU B 447 -5.83 -14.43 -16.70
C LEU B 447 -4.45 -14.92 -17.12
N LEU B 448 -3.45 -14.45 -16.39
CA LEU B 448 -2.07 -14.79 -16.71
C LEU B 448 -1.82 -16.27 -16.45
N ALA B 449 -1.32 -16.97 -17.46
CA ALA B 449 -1.04 -18.40 -17.35
C ALA B 449 0.45 -18.73 -17.27
N ALA B 450 1.30 -17.87 -17.82
CA ALA B 450 2.74 -18.10 -17.78
C ALA B 450 3.44 -16.77 -17.96
N LEU B 451 4.45 -16.51 -17.14
CA LEU B 451 5.22 -15.28 -17.21
C LEU B 451 6.70 -15.64 -17.35
N THR B 452 7.30 -15.23 -18.46
CA THR B 452 8.73 -15.44 -18.70
C THR B 452 9.42 -14.09 -18.58
N ASP B 453 10.39 -14.00 -17.67
CA ASP B 453 11.06 -12.74 -17.40
C ASP B 453 12.16 -12.51 -18.43
N CYS B 454 12.99 -11.49 -18.20
CA CYS B 454 14.05 -11.15 -19.15
C CYS B 454 15.09 -12.25 -19.25
N SER B 455 15.32 -12.99 -18.18
CA SER B 455 16.35 -14.02 -18.13
C SER B 455 15.87 -15.36 -18.66
N GLY B 456 14.60 -15.49 -19.03
CA GLY B 456 14.07 -16.74 -19.53
C GLY B 456 13.46 -17.65 -18.49
N GLN B 457 13.30 -17.18 -17.25
CA GLN B 457 12.70 -17.97 -16.19
C GLN B 457 11.19 -17.84 -16.25
N VAL B 458 10.50 -18.98 -16.16
CA VAL B 458 9.07 -19.06 -16.42
C VAL B 458 8.32 -19.28 -15.12
N TRP B 459 7.36 -18.40 -14.85
CA TRP B 459 6.42 -18.56 -13.75
C TRP B 459 5.07 -19.00 -14.32
N ARG B 460 4.52 -20.09 -13.79
CA ARG B 460 3.29 -20.65 -14.32
C ARG B 460 2.19 -20.57 -13.27
N TYR B 461 0.96 -20.38 -13.73
CA TYR B 461 -0.21 -20.26 -12.88
C TYR B 461 -1.32 -21.16 -13.39
N ASP B 462 -2.07 -21.75 -12.48
CA ASP B 462 -3.18 -22.63 -12.81
C ASP B 462 -4.45 -22.15 -12.13
N TYR B 463 -5.57 -22.33 -12.82
CA TYR B 463 -6.86 -21.84 -12.36
C TYR B 463 -7.90 -22.95 -12.49
N ASP B 464 -8.97 -22.83 -11.71
CA ASP B 464 -10.08 -23.76 -11.76
C ASP B 464 -11.10 -23.28 -12.80
N ASN B 465 -12.27 -23.90 -12.82
CA ASN B 465 -13.28 -23.55 -13.82
C ASN B 465 -13.83 -22.15 -13.64
N GLU B 466 -13.66 -21.54 -12.46
CA GLU B 466 -14.20 -20.22 -12.17
C GLU B 466 -13.12 -19.15 -12.14
N GLY B 467 -11.95 -19.44 -12.69
CA GLY B 467 -10.89 -18.45 -12.77
C GLY B 467 -10.29 -18.05 -11.43
N ARG B 468 -10.13 -18.99 -10.52
CA ARG B 468 -9.49 -18.73 -9.24
C ARG B 468 -8.13 -19.42 -9.23
N LEU B 469 -7.11 -18.69 -8.79
CA LEU B 469 -5.75 -19.21 -8.77
C LEU B 469 -5.64 -20.35 -7.77
N VAL B 470 -5.26 -21.53 -8.24
CA VAL B 470 -5.16 -22.72 -7.39
C VAL B 470 -3.76 -23.31 -7.36
N ALA B 471 -2.84 -22.85 -8.21
CA ALA B 471 -1.49 -23.41 -8.24
C ALA B 471 -0.56 -22.41 -8.91
N SER B 472 0.59 -22.16 -8.28
CA SER B 472 1.61 -21.29 -8.84
C SER B 472 2.93 -22.05 -8.84
N SER B 473 3.63 -22.03 -9.97
CA SER B 473 4.92 -22.66 -10.12
C SER B 473 5.97 -21.61 -10.37
N ASP B 474 7.02 -21.61 -9.57
CA ASP B 474 8.16 -20.73 -9.76
C ASP B 474 9.14 -21.37 -10.74
N PRO B 475 10.16 -20.63 -11.19
CA PRO B 475 11.14 -21.22 -12.11
C PRO B 475 11.81 -22.48 -11.58
N LEU B 476 11.93 -22.62 -10.26
CA LEU B 476 12.53 -23.81 -9.68
C LEU B 476 11.54 -24.97 -9.55
N GLY B 477 10.28 -24.77 -9.90
CA GLY B 477 9.30 -25.83 -9.83
C GLY B 477 8.61 -26.01 -8.50
N GLN B 478 8.65 -25.00 -7.63
CA GLN B 478 8.02 -25.08 -6.32
C GLN B 478 6.57 -24.64 -6.41
N LEU B 479 5.67 -25.51 -5.94
CA LEU B 479 4.23 -25.29 -6.07
C LEU B 479 3.68 -24.54 -4.87
N THR B 480 2.80 -23.58 -5.13
CA THR B 480 2.03 -22.89 -4.10
C THR B 480 0.56 -23.09 -4.43
N ARG B 481 -0.12 -23.95 -3.68
CA ARG B 481 -1.48 -24.33 -3.96
C ARG B 481 -2.46 -23.58 -3.06
N ARG B 482 -3.66 -23.37 -3.58
CA ARG B 482 -4.72 -22.66 -2.86
C ARG B 482 -6.00 -23.47 -2.93
N ARG B 483 -6.80 -23.38 -1.88
CA ARG B 483 -8.07 -24.08 -1.78
C ARG B 483 -9.17 -23.09 -1.45
N TYR B 484 -10.32 -23.25 -2.09
CA TYR B 484 -11.43 -22.33 -1.94
C TYR B 484 -12.70 -23.09 -1.55
N ASP B 485 -13.54 -22.44 -0.76
CA ASP B 485 -14.87 -22.93 -0.47
C ASP B 485 -15.82 -22.53 -1.61
N PRO B 486 -17.04 -23.07 -1.64
CA PRO B 486 -17.96 -22.69 -2.72
C PRO B 486 -18.23 -21.20 -2.82
N LEU B 487 -18.11 -20.46 -1.71
CA LEU B 487 -18.31 -19.02 -1.74
C LEU B 487 -17.13 -18.26 -2.35
N GLY B 488 -16.04 -18.95 -2.68
CA GLY B 488 -14.89 -18.31 -3.26
C GLY B 488 -13.88 -17.76 -2.28
N GLN B 489 -14.06 -18.05 -0.99
CA GLN B 489 -13.12 -17.59 0.02
C GLN B 489 -11.95 -18.55 0.13
N LEU B 490 -10.75 -18.01 0.32
CA LEU B 490 -9.55 -18.83 0.46
C LEU B 490 -9.57 -19.51 1.82
N ILE B 491 -9.65 -20.84 1.84
CA ILE B 491 -9.70 -21.62 3.07
C ILE B 491 -8.44 -22.43 3.29
N GLY B 492 -7.51 -22.42 2.34
CA GLY B 492 -6.28 -23.18 2.48
C GLY B 492 -5.18 -22.66 1.59
N LEU B 493 -3.96 -22.60 2.11
CA LEU B 493 -2.81 -22.08 1.37
C LEU B 493 -1.62 -22.98 1.67
N GLU B 494 -1.35 -23.93 0.78
CA GLU B 494 -0.22 -24.83 0.93
C GLU B 494 1.01 -24.22 0.27
N LEU B 495 2.03 -23.95 1.07
CA LEU B 495 3.23 -23.28 0.60
C LEU B 495 4.20 -24.30 0.00
N ALA B 496 5.33 -23.79 -0.49
CA ALA B 496 6.28 -24.63 -1.21
C ALA B 496 7.09 -25.53 -0.30
N ASP B 497 7.13 -25.23 1.00
CA ASP B 497 7.93 -26.00 1.96
C ASP B 497 7.09 -26.99 2.75
N GLY B 498 5.83 -27.21 2.36
CA GLY B 498 4.96 -28.11 3.08
C GLY B 498 4.15 -27.48 4.19
N SER B 499 4.37 -26.21 4.49
CA SER B 499 3.60 -25.52 5.52
C SER B 499 2.26 -25.10 4.94
N ALA B 500 1.17 -25.53 5.57
CA ALA B 500 -0.18 -25.27 5.09
C ALA B 500 -0.90 -24.36 6.06
N LEU B 501 -1.52 -23.30 5.54
CA LEU B 501 -2.35 -22.39 6.31
C LEU B 501 -3.81 -22.66 6.02
N SER B 502 -4.64 -22.58 7.05
CA SER B 502 -6.08 -22.75 6.90
C SER B 502 -6.79 -21.53 7.47
N TYR B 503 -7.82 -21.07 6.75
CA TYR B 503 -8.56 -19.88 7.12
C TYR B 503 -10.01 -20.24 7.42
N GLU B 504 -10.61 -19.49 8.33
CA GLU B 504 -12.02 -19.64 8.67
C GLU B 504 -12.70 -18.28 8.61
N TYR B 505 -13.98 -18.30 8.25
CA TYR B 505 -14.76 -17.09 8.08
C TYR B 505 -16.10 -17.25 8.77
N ASP B 506 -16.69 -16.12 9.16
CA ASP B 506 -18.01 -16.11 9.77
C ASP B 506 -19.07 -15.94 8.67
N ALA B 507 -20.32 -15.72 9.08
CA ALA B 507 -21.40 -15.59 8.12
C ALA B 507 -21.25 -14.34 7.26
N LEU B 508 -20.59 -13.31 7.78
CA LEU B 508 -20.42 -12.05 7.06
C LEU B 508 -19.19 -12.05 6.16
N GLY B 509 -18.46 -13.16 6.08
CA GLY B 509 -17.27 -13.23 5.26
C GLY B 509 -16.04 -12.64 5.90
N ARG B 510 -16.11 -12.22 7.15
CA ARG B 510 -14.95 -11.68 7.84
C ARG B 510 -14.07 -12.82 8.35
N GLN B 511 -12.76 -12.64 8.19
CA GLN B 511 -11.81 -13.67 8.60
C GLN B 511 -11.80 -13.78 10.12
N THR B 512 -11.91 -15.01 10.63
CA THR B 512 -12.00 -15.24 12.06
C THR B 512 -10.89 -16.12 12.62
N ARG B 513 -10.12 -16.79 11.78
CA ARG B 513 -9.09 -17.70 12.29
C ARG B 513 -8.07 -17.97 11.19
N ILE B 514 -6.80 -17.90 11.53
CA ILE B 514 -5.70 -18.29 10.65
C ILE B 514 -4.87 -19.32 11.40
N ALA B 515 -4.82 -20.54 10.88
CA ALA B 515 -4.18 -21.65 11.57
C ALA B 515 -3.14 -22.29 10.67
N ASP B 516 -2.13 -22.89 11.30
CA ASP B 516 -1.10 -23.63 10.61
C ASP B 516 -1.34 -25.13 10.80
N ALA B 517 -0.50 -25.94 10.14
CA ALA B 517 -0.60 -27.38 10.32
C ALA B 517 -0.23 -27.81 11.72
N GLU B 518 0.58 -27.02 12.43
CA GLU B 518 0.95 -27.36 13.80
C GLU B 518 -0.26 -27.35 14.72
N GLY B 519 -1.15 -26.37 14.54
CA GLY B 519 -2.36 -26.30 15.33
C GLY B 519 -2.62 -24.94 15.95
N HIS B 520 -1.57 -24.27 16.38
CA HIS B 520 -1.73 -22.96 17.00
C HIS B 520 -2.18 -21.94 15.97
N ALA B 521 -3.14 -21.10 16.35
CA ALA B 521 -3.82 -20.21 15.42
C ALA B 521 -4.00 -18.84 16.04
N THR B 522 -4.27 -17.86 15.19
CA THR B 522 -4.64 -16.51 15.60
C THR B 522 -6.13 -16.33 15.38
N LEU B 523 -6.83 -15.82 16.38
CA LEU B 523 -8.27 -15.66 16.34
C LEU B 523 -8.64 -14.19 16.22
N PHE B 524 -9.66 -13.91 15.40
CA PHE B 524 -10.16 -12.56 15.20
C PHE B 524 -11.60 -12.49 15.65
N SER B 525 -11.92 -11.48 16.46
CA SER B 525 -13.28 -11.18 16.85
C SER B 525 -13.66 -9.81 16.30
N TRP B 526 -14.85 -9.72 15.73
CA TRP B 526 -15.30 -8.51 15.06
C TRP B 526 -16.52 -7.94 15.75
N GLY B 527 -16.65 -6.61 15.70
CA GLY B 527 -17.78 -5.94 16.30
C GLY B 527 -18.84 -5.59 15.27
N HIS B 528 -18.94 -4.30 14.93
CA HIS B 528 -19.88 -3.83 13.92
C HIS B 528 -19.12 -3.56 12.63
N GLY B 529 -19.46 -4.29 11.57
CA GLY B 529 -18.79 -4.12 10.30
C GLY B 529 -17.36 -4.62 10.32
N ASP B 530 -16.46 -3.87 9.69
CA ASP B 530 -15.05 -4.23 9.66
C ASP B 530 -14.28 -3.69 10.85
N LEU B 531 -14.97 -3.37 11.95
CA LEU B 531 -14.32 -2.86 13.15
C LEU B 531 -13.82 -4.05 13.97
N LEU B 532 -12.50 -4.23 14.02
CA LEU B 532 -11.91 -5.31 14.78
C LEU B 532 -12.19 -5.11 16.27
N ALA B 533 -12.49 -6.21 16.96
CA ALA B 533 -12.82 -6.15 18.37
C ALA B 533 -11.83 -6.86 19.28
N ARG B 534 -11.21 -7.94 18.81
CA ARG B 534 -10.26 -8.69 19.62
C ARG B 534 -9.37 -9.57 18.76
N VAL B 535 -8.07 -9.59 19.03
CA VAL B 535 -7.13 -10.46 18.34
C VAL B 535 -6.40 -11.29 19.38
N SER B 536 -6.50 -12.61 19.26
CA SER B 536 -5.79 -13.54 20.13
C SER B 536 -4.77 -14.31 19.29
N ASP B 537 -3.50 -14.19 19.66
CA ASP B 537 -2.45 -14.89 18.93
C ASP B 537 -2.27 -16.30 19.51
N ALA B 538 -1.25 -16.99 19.01
CA ALA B 538 -0.99 -18.35 19.47
C ALA B 538 -0.52 -18.42 20.92
N GLY B 539 0.15 -17.37 21.40
CA GLY B 539 0.65 -17.35 22.75
C GLY B 539 -0.35 -16.99 23.82
N GLY B 540 -1.60 -16.73 23.45
CA GLY B 540 -2.63 -16.37 24.40
C GLY B 540 -2.81 -14.89 24.62
N GLY B 541 -1.93 -14.05 24.09
CA GLY B 541 -2.10 -12.62 24.23
C GLY B 541 -3.29 -12.11 23.45
N GLU B 542 -3.95 -11.09 23.99
CA GLU B 542 -5.16 -10.54 23.38
C GLU B 542 -5.04 -9.03 23.26
N LEU B 543 -5.42 -8.51 22.10
CA LEU B 543 -5.53 -7.07 21.87
C LEU B 543 -7.00 -6.73 21.72
N SER B 544 -7.58 -6.09 22.72
CA SER B 544 -8.99 -5.73 22.72
C SER B 544 -9.15 -4.31 22.22
N TYR B 545 -10.09 -4.11 21.30
CA TYR B 545 -10.38 -2.81 20.72
C TYR B 545 -11.78 -2.38 21.13
N LEU B 546 -11.91 -1.12 21.52
CA LEU B 546 -13.19 -0.55 21.92
C LEU B 546 -13.51 0.64 21.02
N HIS B 547 -14.70 0.63 20.42
CA HIS B 547 -15.12 1.68 19.52
C HIS B 547 -16.39 2.33 20.05
N ASP B 548 -16.62 3.57 19.62
CA ASP B 548 -17.82 4.31 20.00
C ASP B 548 -18.85 4.23 18.87
N GLU B 549 -19.93 5.00 19.02
CA GLU B 549 -21.01 4.95 18.03
C GLU B 549 -20.54 5.42 16.66
N ALA B 550 -19.52 6.28 16.61
CA ALA B 550 -19.01 6.78 15.35
C ALA B 550 -17.99 5.85 14.70
N GLY B 551 -17.73 4.70 15.30
CA GLY B 551 -16.74 3.78 14.76
C GLY B 551 -15.31 4.20 14.98
N ARG B 552 -15.05 5.03 15.97
CA ARG B 552 -13.71 5.52 16.26
C ARG B 552 -13.13 4.75 17.43
N LEU B 553 -11.88 4.32 17.30
CA LEU B 553 -11.20 3.55 18.33
C LEU B 553 -10.99 4.44 19.55
N VAL B 554 -11.66 4.12 20.65
CA VAL B 554 -11.58 4.92 21.87
C VAL B 554 -10.77 4.25 22.97
N ALA B 555 -10.42 2.98 22.83
CA ALA B 555 -9.62 2.30 23.84
C ALA B 555 -8.96 1.09 23.22
N LEU B 556 -7.68 0.90 23.55
CA LEU B 556 -6.91 -0.26 23.10
C LEU B 556 -6.32 -0.92 24.33
N THR B 557 -6.58 -2.22 24.49
CA THR B 557 -6.06 -2.99 25.60
C THR B 557 -5.01 -3.96 25.09
N ASN B 558 -3.82 -3.91 25.67
CA ASN B 558 -2.73 -4.77 25.25
C ASN B 558 -2.78 -6.08 26.02
N GLU B 559 -1.73 -6.90 25.88
CA GLU B 559 -1.72 -8.22 26.49
C GLU B 559 -1.63 -8.16 28.01
N ASN B 560 -1.13 -7.06 28.58
CA ASN B 560 -1.05 -6.92 30.03
C ASN B 560 -2.36 -6.43 30.65
N GLY B 561 -3.37 -6.12 29.85
CA GLY B 561 -4.59 -5.58 30.38
C GLY B 561 -4.57 -4.08 30.63
N VAL B 562 -3.63 -3.36 30.03
CA VAL B 562 -3.51 -1.92 30.19
C VAL B 562 -4.16 -1.24 29.00
N GLN B 563 -4.97 -0.23 29.27
CA GLN B 563 -5.73 0.46 28.23
C GLN B 563 -4.98 1.70 27.74
N ALA B 564 -5.14 1.99 26.45
CA ALA B 564 -4.69 3.22 25.84
C ALA B 564 -5.91 3.99 25.36
N GLN B 565 -6.08 5.21 25.87
CA GLN B 565 -7.27 5.99 25.60
C GLN B 565 -7.07 6.87 24.36
N PHE B 566 -8.17 7.14 23.67
CA PHE B 566 -8.17 8.04 22.53
C PHE B 566 -9.39 8.95 22.60
N ARG B 567 -9.21 10.21 22.20
CA ARG B 567 -10.30 11.17 22.15
C ARG B 567 -10.32 11.83 20.78
N TYR B 568 -11.51 12.24 20.35
CA TYR B 568 -11.72 12.81 19.04
C TYR B 568 -12.60 14.05 19.15
N ASP B 569 -12.47 14.93 18.16
CA ASP B 569 -13.28 16.13 18.07
C ASP B 569 -14.47 15.87 17.15
N LEU B 570 -15.18 16.94 16.80
CA LEU B 570 -16.37 16.80 15.96
C LEU B 570 -16.05 16.33 14.55
N LEU B 571 -14.80 16.44 14.11
CA LEU B 571 -14.42 16.02 12.78
C LEU B 571 -13.76 14.65 12.77
N ASP B 572 -13.91 13.88 13.85
CA ASP B 572 -13.35 12.54 13.98
C ASP B 572 -11.83 12.55 13.81
N ARG B 573 -11.19 13.59 14.35
CA ARG B 573 -9.74 13.72 14.34
C ARG B 573 -9.21 13.47 15.74
N LEU B 574 -8.15 12.68 15.84
CA LEU B 574 -7.55 12.37 17.13
C LEU B 574 -6.98 13.63 17.76
N VAL B 575 -7.55 14.05 18.88
CA VAL B 575 -7.10 15.25 19.57
C VAL B 575 -6.40 14.96 20.88
N GLU B 576 -6.46 13.72 21.36
CA GLU B 576 -5.77 13.34 22.59
C GLU B 576 -5.52 11.85 22.58
N GLU B 577 -4.30 11.45 22.94
CA GLU B 577 -3.91 10.04 22.91
C GLU B 577 -3.09 9.75 24.15
N THR B 578 -3.60 8.87 25.00
CA THR B 578 -2.90 8.42 26.20
C THR B 578 -2.39 7.01 25.96
N GLY B 579 -1.08 6.83 26.13
CA GLY B 579 -0.47 5.54 25.90
C GLY B 579 -0.64 4.60 27.09
N PHE B 580 -0.01 3.43 26.97
CA PHE B 580 -0.09 2.43 28.03
C PHE B 580 0.65 2.86 29.29
N ASP B 581 1.62 3.77 29.17
CA ASP B 581 2.39 4.24 30.31
C ASP B 581 1.88 5.57 30.85
N GLY B 582 0.72 6.03 30.39
CA GLY B 582 0.19 7.31 30.80
C GLY B 582 0.70 8.49 30.02
N ARG B 583 1.55 8.28 29.02
CA ARG B 583 2.08 9.37 28.20
C ARG B 583 0.94 9.94 27.37
N ARG B 584 0.58 11.20 27.63
CA ARG B 584 -0.55 11.84 26.97
C ARG B 584 -0.04 12.85 25.95
N GLN B 585 -0.58 12.76 24.73
CA GLN B 585 -0.26 13.68 23.66
C GLN B 585 -1.54 14.35 23.17
N ARG B 586 -1.50 15.67 23.01
CA ARG B 586 -2.64 16.42 22.52
C ARG B 586 -2.32 16.95 21.13
N TYR B 587 -3.33 16.98 20.26
CA TYR B 587 -3.17 17.38 18.88
C TYR B 587 -4.11 18.54 18.56
N ARG B 588 -3.65 19.40 17.67
CA ARG B 588 -4.45 20.52 17.17
C ARG B 588 -4.39 20.53 15.65
N TYR B 589 -5.47 20.96 15.03
CA TYR B 589 -5.60 20.95 13.58
C TYR B 589 -6.12 22.30 13.11
N ASN B 590 -5.83 22.63 11.87
CA ASN B 590 -6.41 23.80 11.23
C ASN B 590 -7.71 23.42 10.55
N ALA B 591 -8.26 24.32 9.73
CA ALA B 591 -9.54 24.05 9.08
C ALA B 591 -9.44 22.92 8.06
N ALA B 592 -8.24 22.64 7.54
CA ALA B 592 -8.05 21.63 6.51
C ALA B 592 -7.60 20.29 7.08
N ASP B 593 -7.85 20.05 8.37
CA ASP B 593 -7.49 18.80 9.03
C ASP B 593 -6.00 18.50 8.95
N GLU B 594 -5.17 19.53 9.01
CA GLU B 594 -3.73 19.39 9.02
C GLU B 594 -3.20 19.59 10.44
N LEU B 595 -2.39 18.66 10.91
CA LEU B 595 -1.83 18.73 12.25
C LEU B 595 -0.88 19.94 12.34
N ILE B 596 -1.27 20.95 13.11
CA ILE B 596 -0.47 22.16 13.24
C ILE B 596 0.18 22.29 14.61
N ALA B 597 -0.17 21.45 15.57
CA ALA B 597 0.43 21.51 16.89
C ALA B 597 0.29 20.15 17.55
N ARG B 598 1.29 19.80 18.36
CA ARG B 598 1.29 18.50 19.03
C ARG B 598 1.96 18.68 20.39
N GLU B 599 1.16 18.87 21.43
CA GLU B 599 1.67 18.97 22.79
C GLU B 599 1.95 17.57 23.33
N ASP B 600 3.11 17.40 23.94
CA ASP B 600 3.54 16.10 24.43
C ASP B 600 3.33 16.00 25.94
N ALA B 601 3.79 14.91 26.52
CA ALA B 601 3.54 14.64 27.94
C ALA B 601 4.25 15.61 28.87
N ASP B 602 5.32 16.25 28.41
CA ASP B 602 6.07 17.20 29.24
C ASP B 602 5.58 18.62 29.11
N GLY B 603 4.52 18.86 28.34
CA GLY B 603 3.99 20.19 28.17
C GLY B 603 4.63 21.01 27.08
N ARG B 604 5.58 20.44 26.33
CA ARG B 604 6.24 21.14 25.24
C ARG B 604 5.48 20.90 23.94
N GLU B 605 5.24 21.96 23.19
CA GLU B 605 4.38 21.92 22.01
C GLU B 605 5.23 22.02 20.75
N THR B 606 5.01 21.10 19.82
CA THR B 606 5.66 21.11 18.52
C THR B 606 4.65 21.60 17.49
N THR B 607 5.03 22.63 16.74
CA THR B 607 4.14 23.25 15.76
C THR B 607 4.62 22.92 14.35
N TYR B 608 3.66 22.60 13.48
CA TYR B 608 3.94 22.21 12.10
C TYR B 608 3.35 23.23 11.14
N ALA B 609 4.04 23.42 10.03
CA ALA B 609 3.57 24.30 8.95
C ALA B 609 3.63 23.55 7.63
N TYR B 610 2.77 23.94 6.70
CA TYR B 610 2.63 23.26 5.44
C TYR B 610 2.65 24.27 4.30
N ASP B 611 2.99 23.77 3.11
CA ASP B 611 2.93 24.59 1.90
C ASP B 611 1.54 24.47 1.28
N ARG B 612 1.37 25.08 0.10
CA ARG B 612 0.07 25.12 -0.54
C ARG B 612 -0.40 23.74 -0.99
N ASP B 613 0.51 22.79 -1.18
CA ASP B 613 0.14 21.45 -1.61
C ASP B 613 -0.11 20.50 -0.44
N GLY B 614 -0.04 20.98 0.79
CA GLY B 614 -0.29 20.15 1.94
C GLY B 614 0.88 19.35 2.43
N ARG B 615 2.05 19.52 1.83
CA ARG B 615 3.25 18.83 2.30
C ARG B 615 3.86 19.58 3.46
N LEU B 616 4.54 18.85 4.34
CA LEU B 616 5.18 19.46 5.50
C LEU B 616 6.26 20.44 5.06
N ALA B 617 6.22 21.64 5.63
CA ALA B 617 7.14 22.71 5.26
C ALA B 617 8.13 23.05 6.35
N SER B 618 7.73 23.05 7.61
CA SER B 618 8.64 23.37 8.70
C SER B 618 8.11 22.75 9.99
N ILE B 619 9.04 22.30 10.82
CA ILE B 619 8.74 21.80 12.16
C ILE B 619 9.48 22.68 13.15
N ARG B 620 8.75 23.25 14.10
CA ARG B 620 9.34 24.10 15.14
C ARG B 620 9.41 23.29 16.42
N VAL B 621 10.54 22.61 16.60
CA VAL B 621 10.76 21.77 17.79
C VAL B 621 10.98 22.66 19.01
N PRO B 622 10.27 22.43 20.11
CA PRO B 622 10.43 23.29 21.28
C PRO B 622 11.77 23.07 21.96
N ALA B 623 12.21 24.10 22.68
CA ALA B 623 13.46 24.02 23.42
C ALA B 623 13.29 23.14 24.65
N THR B 624 14.35 22.41 24.99
CA THR B 624 14.40 21.59 26.19
C THR B 624 15.52 22.10 27.10
N GLU B 625 15.76 21.34 28.18
CA GLU B 625 16.78 21.74 29.14
C GLU B 625 18.19 21.59 28.59
N HIS B 626 18.39 20.76 27.58
CA HIS B 626 19.72 20.49 27.04
C HIS B 626 19.83 20.77 25.55
N ALA B 627 18.84 21.42 24.94
CA ALA B 627 18.89 21.72 23.53
C ALA B 627 18.03 22.94 23.24
N PRO B 628 18.48 23.83 22.35
CA PRO B 628 17.67 25.00 22.01
C PRO B 628 16.54 24.64 21.06
N ALA B 629 15.59 25.58 20.95
CA ALA B 629 14.51 25.41 19.99
C ALA B 629 15.06 25.46 18.57
N LEU B 630 14.67 24.49 17.76
CA LEU B 630 15.20 24.36 16.42
C LEU B 630 14.07 24.25 15.41
N VAL B 631 14.30 24.83 14.23
CA VAL B 631 13.33 24.82 13.14
C VAL B 631 13.92 23.98 12.01
N GLU B 632 13.18 22.96 11.59
CA GLU B 632 13.58 22.09 10.49
C GLU B 632 12.68 22.40 9.30
N ARG B 633 13.28 22.89 8.22
CA ARG B 633 12.54 23.36 7.06
C ARG B 633 12.70 22.38 5.91
N TYR B 634 11.60 22.05 5.26
CA TYR B 634 11.58 21.11 4.14
C TYR B 634 11.02 21.81 2.90
N ARG B 635 11.64 21.56 1.76
CA ARG B 635 11.18 22.07 0.48
C ARG B 635 10.96 20.91 -0.46
N TRP B 636 9.87 20.97 -1.22
CA TRP B 636 9.46 19.87 -2.08
C TRP B 636 9.39 20.32 -3.53
N LEU B 637 9.58 19.37 -4.44
CA LEU B 637 9.38 19.63 -5.85
C LEU B 637 7.90 19.52 -6.20
N ALA B 638 7.57 19.92 -7.43
CA ALA B 638 6.18 19.94 -7.85
C ALA B 638 5.56 18.54 -7.86
N ASP B 639 6.37 17.51 -8.05
CA ASP B 639 5.88 16.14 -8.11
C ASP B 639 5.92 15.43 -6.75
N GLY B 640 6.27 16.14 -5.69
CA GLY B 640 6.25 15.57 -4.37
C GLY B 640 7.58 15.03 -3.87
N ARG B 641 8.62 15.08 -4.68
CA ARG B 641 9.94 14.64 -4.24
C ARG B 641 10.58 15.69 -3.35
N LEU B 642 11.29 15.23 -2.33
CA LEU B 642 11.96 16.15 -1.42
C LEU B 642 13.12 16.83 -2.13
N ALA B 643 13.16 18.16 -2.05
CA ALA B 643 14.22 18.94 -2.67
C ALA B 643 15.29 19.37 -1.70
N SER B 644 14.93 19.69 -0.47
CA SER B 644 15.91 20.05 0.55
C SER B 644 15.30 19.83 1.92
N ALA B 645 16.16 19.65 2.91
CA ALA B 645 15.75 19.47 4.30
C ALA B 645 16.74 20.22 5.18
N GLY B 646 16.40 21.46 5.51
CA GLY B 646 17.30 22.30 6.27
C GLY B 646 17.10 22.18 7.76
N GLY B 647 18.19 22.41 8.49
CA GLY B 647 18.19 22.36 9.94
C GLY B 647 19.24 23.28 10.48
N ALA B 648 19.38 23.29 11.81
CA ALA B 648 20.36 24.13 12.46
C ALA B 648 21.79 23.61 12.30
N ASP B 649 21.95 22.32 12.02
CA ASP B 649 23.28 21.72 11.92
C ASP B 649 23.64 21.23 10.54
N CYS B 650 22.67 21.01 9.66
CA CYS B 650 22.95 20.45 8.34
C CYS B 650 21.93 20.98 7.34
N GLU B 651 22.31 20.90 6.07
CA GLU B 651 21.46 21.33 4.96
C GLU B 651 21.57 20.26 3.88
N VAL B 652 20.59 19.37 3.81
CA VAL B 652 20.59 18.28 2.84
C VAL B 652 19.84 18.73 1.59
N ARG B 653 20.50 18.64 0.44
CA ARG B 653 19.91 19.00 -0.83
C ARG B 653 19.88 17.79 -1.74
N TYR B 654 18.72 17.52 -2.34
CA TYR B 654 18.54 16.41 -3.26
C TYR B 654 18.41 16.93 -4.68
N THR B 655 19.17 16.35 -5.60
CA THR B 655 19.12 16.70 -7.01
C THR B 655 18.70 15.49 -7.80
N TYR B 656 17.74 15.66 -8.70
CA TYR B 656 17.18 14.58 -9.49
C TYR B 656 17.47 14.82 -10.97
N ASP B 657 17.57 13.74 -11.72
CA ASP B 657 17.84 13.81 -13.15
C ASP B 657 16.53 14.12 -13.89
N GLU B 658 16.56 14.04 -15.22
CA GLU B 658 15.39 14.34 -16.03
C GLU B 658 14.30 13.28 -15.89
N VAL B 659 14.60 12.14 -15.27
CA VAL B 659 13.61 11.08 -15.11
C VAL B 659 13.02 11.05 -13.70
N GLY B 660 13.71 11.60 -12.70
CA GLY B 660 13.26 11.54 -11.33
C GLY B 660 14.14 10.69 -10.43
N ASN B 661 15.16 10.04 -10.98
CA ASN B 661 16.10 9.29 -10.16
C ASN B 661 16.95 10.24 -9.33
N LEU B 662 17.21 9.87 -8.08
CA LEU B 662 18.03 10.69 -7.20
C LEU B 662 19.46 10.67 -7.69
N ARG B 663 19.89 11.75 -8.34
CA ARG B 663 21.20 11.82 -8.95
C ARG B 663 22.28 12.23 -7.96
N LEU B 664 22.01 13.25 -7.14
CA LEU B 664 22.99 13.76 -6.20
C LEU B 664 22.30 14.08 -4.88
N GLU B 665 22.96 13.73 -3.78
CA GLU B 665 22.50 14.06 -2.44
C GLU B 665 23.66 14.70 -1.69
N SER B 666 23.56 15.99 -1.40
CA SER B 666 24.62 16.74 -0.78
C SER B 666 24.20 17.16 0.62
N GLN B 667 25.11 16.97 1.58
CA GLN B 667 24.85 17.30 2.99
C GLN B 667 25.91 18.31 3.42
N VAL B 668 25.50 19.55 3.61
CA VAL B 668 26.40 20.63 3.99
C VAL B 668 26.19 20.89 5.48
N HIS B 669 27.21 20.63 6.28
CA HIS B 669 27.12 20.83 7.71
C HIS B 669 27.28 22.31 8.06
N ALA B 670 26.92 22.65 9.29
CA ALA B 670 26.97 24.05 9.72
C ALA B 670 28.39 24.57 9.80
N ASP B 671 29.37 23.69 10.02
CA ASP B 671 30.77 24.10 10.11
C ASP B 671 31.49 24.05 8.77
N GLY B 672 30.77 23.75 7.68
CA GLY B 672 31.35 23.78 6.35
C GLY B 672 31.68 22.44 5.75
N TRP B 673 31.69 21.37 6.55
CA TRP B 673 31.98 20.04 6.02
C TRP B 673 30.86 19.60 5.09
N VAL B 674 31.23 19.12 3.90
CA VAL B 674 30.28 18.73 2.86
C VAL B 674 30.52 17.29 2.50
N TYR B 675 29.45 16.50 2.49
CA TYR B 675 29.50 15.11 2.03
C TYR B 675 28.41 14.93 0.98
N SER B 676 28.80 14.48 -0.20
CA SER B 676 27.88 14.30 -1.31
C SER B 676 27.95 12.88 -1.84
N VAL B 677 26.79 12.32 -2.17
CA VAL B 677 26.69 10.99 -2.76
C VAL B 677 26.08 11.14 -4.14
N GLU B 678 26.77 10.62 -5.15
CA GLU B 678 26.36 10.77 -6.54
C GLU B 678 26.06 9.40 -7.13
N HIS B 679 24.95 9.29 -7.84
CA HIS B 679 24.53 8.04 -8.46
C HIS B 679 24.25 8.25 -9.94
N SER B 680 24.41 7.19 -10.71
CA SER B 680 24.01 7.14 -12.10
C SER B 680 23.09 5.95 -12.30
N HIS B 681 22.05 6.14 -13.11
CA HIS B 681 21.01 5.14 -13.28
C HIS B 681 20.87 4.76 -14.75
N ASP B 682 20.34 3.56 -14.98
CA ASP B 682 20.04 3.09 -16.32
C ASP B 682 18.59 3.45 -16.67
N ALA B 683 18.08 2.89 -17.76
CA ALA B 683 16.73 3.20 -18.21
C ALA B 683 15.65 2.67 -17.29
N LEU B 684 15.98 1.77 -16.36
CA LEU B 684 15.03 1.22 -15.42
C LEU B 684 15.11 1.87 -14.04
N GLY B 685 15.89 2.93 -13.90
CA GLY B 685 16.07 3.56 -12.61
C GLY B 685 16.82 2.70 -11.61
N VAL B 686 17.81 1.94 -12.07
CA VAL B 686 18.64 1.10 -11.23
C VAL B 686 20.04 1.70 -11.22
N ARG B 687 20.61 1.86 -10.02
CA ARG B 687 21.92 2.48 -9.89
C ARG B 687 22.97 1.66 -10.63
N GLN B 688 23.77 2.34 -11.44
CA GLN B 688 24.88 1.72 -12.16
C GLN B 688 26.23 2.06 -11.56
N THR B 689 26.43 3.30 -11.13
CA THR B 689 27.63 3.71 -10.42
C THR B 689 27.24 4.52 -9.20
N SER B 690 28.10 4.49 -8.19
CA SER B 690 27.87 5.25 -6.97
C SER B 690 29.20 5.82 -6.48
N ARG B 691 29.19 7.11 -6.14
CA ARG B 691 30.36 7.77 -5.57
C ARG B 691 29.99 8.27 -4.18
N TYR B 692 30.63 7.73 -3.16
CA TYR B 692 30.34 8.06 -1.77
C TYR B 692 31.39 9.06 -1.31
N GLY B 693 31.11 10.34 -1.47
CA GLY B 693 32.05 11.36 -1.04
C GLY B 693 33.32 11.29 -1.87
N ASP B 694 34.46 11.26 -1.17
CA ASP B 694 35.76 11.17 -1.83
C ASP B 694 36.22 9.74 -2.03
N ALA B 695 35.42 8.75 -1.67
CA ALA B 695 35.78 7.37 -1.87
C ALA B 695 35.78 7.03 -3.36
N PRO B 696 36.55 6.02 -3.76
CA PRO B 696 36.54 5.60 -5.17
C PRO B 696 35.15 5.20 -5.61
N PRO B 697 34.78 5.51 -6.84
CA PRO B 697 33.43 5.16 -7.31
C PRO B 697 33.23 3.66 -7.38
N VAL B 698 31.99 3.24 -7.10
CA VAL B 698 31.60 1.84 -7.11
C VAL B 698 30.71 1.62 -8.32
N ALA B 699 31.13 0.72 -9.21
CA ALA B 699 30.38 0.42 -10.42
C ALA B 699 29.58 -0.86 -10.19
N TRP B 700 28.26 -0.78 -10.38
CA TRP B 700 27.38 -1.93 -10.20
C TRP B 700 27.11 -2.55 -11.56
N LEU B 701 27.31 -3.87 -11.64
CA LEU B 701 27.00 -4.63 -12.85
C LEU B 701 25.69 -5.37 -12.62
N THR B 702 24.65 -4.96 -13.33
CA THR B 702 23.32 -5.51 -13.13
C THR B 702 22.75 -6.03 -14.46
N TYR B 703 21.87 -7.01 -14.35
CA TYR B 703 21.17 -7.55 -15.50
C TYR B 703 19.68 -7.62 -15.18
N GLY B 704 18.86 -7.51 -16.22
CA GLY B 704 17.43 -7.52 -16.04
C GLY B 704 16.95 -6.34 -15.23
N PRO B 705 15.94 -6.55 -14.40
CA PRO B 705 15.38 -5.48 -13.56
C PRO B 705 16.22 -5.15 -12.33
N GLY B 706 17.53 -4.98 -12.53
CA GLY B 706 18.40 -4.57 -11.46
C GLY B 706 19.02 -5.67 -10.64
N HIS B 707 19.05 -6.90 -11.15
CA HIS B 707 19.66 -8.00 -10.41
C HIS B 707 21.19 -7.88 -10.47
N LEU B 708 21.81 -7.77 -9.30
CA LEU B 708 23.24 -7.52 -9.22
C LEU B 708 24.02 -8.79 -9.53
N HIS B 709 25.00 -8.67 -10.43
CA HIS B 709 25.89 -9.79 -10.74
C HIS B 709 27.35 -9.39 -10.74
N GLY B 710 27.68 -8.20 -10.26
CA GLY B 710 29.06 -7.78 -10.22
C GLY B 710 29.18 -6.43 -9.54
N ALA B 711 30.41 -6.11 -9.15
CA ALA B 711 30.71 -4.83 -8.53
C ALA B 711 32.18 -4.54 -8.72
N LEU B 712 32.50 -3.27 -9.00
CA LEU B 712 33.86 -2.84 -9.30
C LEU B 712 34.21 -1.66 -8.40
N VAL B 713 35.15 -1.87 -7.48
CA VAL B 713 35.66 -0.81 -6.62
C VAL B 713 37.18 -0.83 -6.70
N GLY B 714 37.75 0.23 -7.25
CA GLY B 714 39.20 0.29 -7.36
C GLY B 714 39.74 -0.86 -8.18
N ALA B 715 40.66 -1.62 -7.60
CA ALA B 715 41.25 -2.78 -8.24
C ALA B 715 40.56 -4.08 -7.84
N VAL B 716 39.44 -4.00 -7.14
CA VAL B 716 38.73 -5.17 -6.63
C VAL B 716 37.45 -5.35 -7.44
N GLU B 717 37.21 -6.58 -7.88
CA GLU B 717 36.00 -6.92 -8.63
C GLU B 717 35.24 -8.00 -7.89
N LEU B 718 33.95 -7.78 -7.69
CA LEU B 718 33.05 -8.75 -7.09
C LEU B 718 32.22 -9.43 -8.17
N ALA B 719 31.93 -10.71 -7.98
CA ALA B 719 31.12 -11.47 -8.92
C ALA B 719 30.05 -12.23 -8.14
N PHE B 720 28.82 -12.16 -8.62
CA PHE B 720 27.69 -12.84 -8.00
C PHE B 720 27.06 -13.81 -8.98
N GLU B 721 26.73 -15.00 -8.50
CA GLU B 721 25.97 -15.98 -9.26
C GLU B 721 24.61 -16.17 -8.62
N ARG B 722 23.58 -16.28 -9.44
CA ARG B 722 22.21 -16.36 -8.96
C ARG B 722 21.50 -17.56 -9.58
N ASP B 723 20.51 -18.07 -8.86
CA ASP B 723 19.74 -19.22 -9.32
C ASP B 723 18.55 -18.74 -10.16
N ALA B 724 17.63 -19.65 -10.46
CA ALA B 724 16.48 -19.31 -11.29
C ALA B 724 15.56 -18.28 -10.63
N LEU B 725 15.59 -18.17 -9.31
CA LEU B 725 14.81 -17.17 -8.59
C LEU B 725 15.58 -15.89 -8.36
N HIS B 726 16.75 -15.75 -8.96
CA HIS B 726 17.59 -14.55 -8.83
C HIS B 726 18.00 -14.31 -7.38
N ARG B 727 18.29 -15.41 -6.67
CA ARG B 727 18.84 -15.36 -5.33
C ARG B 727 20.32 -15.69 -5.41
N GLU B 728 21.14 -14.91 -4.72
CA GLU B 728 22.58 -15.10 -4.77
C GLU B 728 22.96 -16.47 -4.21
N VAL B 729 23.73 -17.23 -4.99
CA VAL B 729 24.20 -18.54 -4.57
C VAL B 729 25.71 -18.64 -4.54
N ARG B 730 26.43 -17.66 -5.09
CA ARG B 730 27.89 -17.68 -5.07
C ARG B 730 28.40 -16.26 -5.16
N ARG B 731 29.49 -15.99 -4.47
CA ARG B 731 30.08 -14.66 -4.42
C ARG B 731 31.60 -14.78 -4.42
N ASP B 732 32.26 -14.06 -5.32
CA ASP B 732 33.71 -14.08 -5.45
C ASP B 732 34.24 -12.66 -5.38
N ALA B 733 35.50 -12.54 -5.00
CA ALA B 733 36.22 -11.28 -5.06
C ALA B 733 37.61 -11.53 -5.60
N ARG B 734 38.01 -10.72 -6.57
CA ARG B 734 39.33 -10.82 -7.18
C ARG B 734 39.97 -9.45 -7.25
N ARG B 735 41.27 -9.40 -7.00
CA ARG B 735 42.03 -8.16 -7.05
C ARG B 735 43.01 -8.22 -8.21
N ASP B 736 43.18 -7.09 -8.90
CA ASP B 736 44.07 -7.04 -10.04
C ASP B 736 45.50 -7.37 -9.62
N GLY B 737 46.16 -8.22 -10.39
CA GLY B 737 47.50 -8.66 -10.08
C GLY B 737 47.58 -9.95 -9.28
N GLN B 738 46.45 -10.46 -8.79
CA GLN B 738 46.40 -11.71 -8.05
C GLN B 738 45.61 -12.74 -8.85
N ASP B 739 46.18 -13.92 -9.03
CA ASP B 739 45.55 -14.94 -9.85
C ASP B 739 44.33 -15.55 -9.16
N ASP B 740 44.46 -15.86 -7.87
CA ASP B 740 43.39 -16.54 -7.14
C ASP B 740 42.41 -15.54 -6.57
N ALA B 741 41.18 -16.01 -6.36
CA ALA B 741 40.14 -15.18 -5.76
C ALA B 741 40.44 -14.93 -4.29
N LEU B 742 40.05 -13.75 -3.82
CA LEU B 742 40.23 -13.42 -2.41
C LEU B 742 39.40 -14.32 -1.52
N PHE B 743 38.14 -14.57 -1.90
CA PHE B 743 37.29 -15.48 -1.14
C PHE B 743 36.19 -15.99 -2.06
N THR B 744 35.56 -17.08 -1.63
CA THR B 744 34.41 -17.64 -2.31
C THR B 744 33.34 -17.93 -1.26
N GLN B 745 32.12 -17.45 -1.50
CA GLN B 745 31.02 -17.64 -0.57
C GLN B 745 29.85 -18.29 -1.32
N GLU B 746 29.53 -19.52 -0.95
CA GLU B 746 28.47 -20.29 -1.58
C GLU B 746 27.31 -20.44 -0.61
N ARG B 747 26.09 -20.35 -1.13
CA ARG B 747 24.89 -20.42 -0.30
C ARG B 747 23.87 -21.36 -0.94
N GLN B 748 23.12 -22.04 -0.07
CA GLN B 748 22.00 -22.87 -0.48
C GLN B 748 20.74 -22.35 0.21
N HIS B 749 19.62 -22.37 -0.51
CA HIS B 749 18.39 -21.76 -0.03
C HIS B 749 17.30 -22.79 0.15
N ALA B 750 16.47 -22.56 1.16
CA ALA B 750 15.28 -23.36 1.40
C ALA B 750 14.18 -22.95 0.42
N PRO B 751 13.12 -23.77 0.29
CA PRO B 751 12.07 -23.43 -0.68
C PRO B 751 11.45 -22.06 -0.51
N LEU B 752 11.30 -21.56 0.72
CA LEU B 752 10.74 -20.23 0.95
C LEU B 752 11.80 -19.15 1.02
N GLY B 753 12.93 -19.32 0.35
CA GLY B 753 13.96 -18.31 0.34
C GLY B 753 14.78 -18.22 1.61
N ARG B 754 14.64 -19.19 2.51
CA ARG B 754 15.41 -19.22 3.73
C ARG B 754 16.79 -19.80 3.46
N LEU B 755 17.81 -19.19 4.07
CA LEU B 755 19.17 -19.68 3.91
C LEU B 755 19.32 -21.02 4.62
N GLN B 756 19.78 -22.03 3.90
CA GLN B 756 19.94 -23.37 4.44
C GLN B 756 21.39 -23.69 4.78
N ARG B 757 22.31 -23.44 3.86
CA ARG B 757 23.73 -23.64 4.09
C ARG B 757 24.49 -22.46 3.53
N SER B 758 25.66 -22.21 4.12
CA SER B 758 26.57 -21.20 3.61
C SER B 758 28.00 -21.64 3.91
N ARG B 759 28.89 -21.45 2.95
CA ARG B 759 30.28 -21.82 3.10
C ARG B 759 31.15 -20.67 2.61
N LEU B 760 32.03 -20.17 3.47
CA LEU B 760 32.95 -19.10 3.15
C LEU B 760 34.38 -19.63 3.21
N ARG B 761 35.12 -19.43 2.13
CA ARG B 761 36.50 -19.90 2.04
C ARG B 761 37.39 -18.73 1.65
N LEU B 762 38.08 -18.16 2.63
CA LEU B 762 39.04 -17.10 2.37
C LEU B 762 40.31 -17.69 1.76
N ALA B 763 41.04 -16.85 1.03
CA ALA B 763 42.29 -17.30 0.43
C ALA B 763 43.35 -17.60 1.48
N GLY B 764 43.22 -17.05 2.68
CA GLY B 764 44.18 -17.29 3.74
C GLY B 764 43.99 -18.56 4.52
N GLY B 765 42.98 -19.36 4.18
CA GLY B 765 42.74 -20.63 4.83
C GLY B 765 41.56 -20.65 5.79
N PHE B 766 40.87 -19.54 5.96
CA PHE B 766 39.72 -19.48 6.85
C PHE B 766 38.51 -20.12 6.16
N ASP B 767 38.02 -21.21 6.73
CA ASP B 767 36.88 -21.94 6.18
C ASP B 767 35.74 -21.83 7.18
N TRP B 768 34.59 -21.34 6.73
CA TRP B 768 33.43 -21.10 7.58
C TRP B 768 32.21 -21.79 6.98
N GLN B 769 31.86 -22.95 7.51
CA GLN B 769 30.70 -23.69 7.06
C GLN B 769 29.59 -23.54 8.08
N ARG B 770 28.41 -23.12 7.62
CA ARG B 770 27.30 -22.81 8.49
C ARG B 770 26.05 -23.51 7.97
N GLY B 771 25.42 -24.32 8.82
CA GLY B 771 24.21 -25.01 8.46
C GLY B 771 23.03 -24.57 9.30
N TYR B 772 21.90 -24.28 8.66
CA TYR B 772 20.74 -23.74 9.33
C TYR B 772 19.62 -24.77 9.39
N ARG B 773 18.94 -24.82 10.53
CA ARG B 773 17.79 -25.71 10.73
C ARG B 773 16.58 -24.87 11.08
N TYR B 774 15.44 -25.23 10.49
CA TYR B 774 14.19 -24.51 10.72
C TYR B 774 13.11 -25.50 11.14
N ASP B 775 12.13 -24.99 11.87
CA ASP B 775 10.97 -25.78 12.28
C ASP B 775 9.82 -25.53 11.30
N GLY B 776 8.63 -26.03 11.64
CA GLY B 776 7.48 -25.85 10.76
C GLY B 776 7.02 -24.42 10.62
N LEU B 777 7.32 -23.57 11.60
CA LEU B 777 6.93 -22.16 11.55
C LEU B 777 7.90 -21.32 10.72
N GLY B 778 9.01 -21.89 10.26
CA GLY B 778 10.04 -21.11 9.63
C GLY B 778 11.00 -20.45 10.59
N GLN B 779 10.90 -20.75 11.89
CA GLN B 779 11.79 -20.17 12.87
C GLN B 779 13.12 -20.90 12.90
N LEU B 780 14.21 -20.14 12.95
CA LEU B 780 15.54 -20.70 13.02
C LEU B 780 15.75 -21.35 14.38
N VAL B 781 15.72 -22.68 14.43
CA VAL B 781 15.81 -23.41 15.68
C VAL B 781 17.19 -24.02 15.89
N GLY B 782 18.15 -23.71 15.03
CA GLY B 782 19.48 -24.26 15.19
C GLY B 782 20.46 -23.84 14.11
N ILE B 783 21.72 -23.66 14.48
CA ILE B 783 22.79 -23.31 13.55
C ILE B 783 23.96 -24.25 13.81
N ASP B 784 24.39 -24.96 12.77
CA ASP B 784 25.59 -25.80 12.85
C ASP B 784 26.76 -25.00 12.28
N ASP B 785 27.76 -24.77 13.11
CA ASP B 785 28.89 -23.92 12.74
C ASP B 785 30.18 -24.60 13.14
N ASN B 786 31.21 -24.49 12.29
CA ASN B 786 32.51 -25.06 12.57
C ASN B 786 33.52 -24.04 13.08
N GLN B 787 33.21 -22.75 13.01
CA GLN B 787 34.06 -21.71 13.56
C GLN B 787 33.57 -21.21 14.91
N TYR B 788 32.27 -21.06 15.07
CA TYR B 788 31.64 -20.67 16.32
C TYR B 788 30.86 -21.84 16.90
N PRO B 789 30.61 -21.83 18.21
CA PRO B 789 29.82 -22.93 18.80
C PRO B 789 28.44 -23.03 18.17
N SER B 790 27.99 -24.26 17.96
CA SER B 790 26.64 -24.48 17.44
C SER B 790 25.61 -24.06 18.48
N VAL B 791 24.51 -23.49 18.01
CA VAL B 791 23.50 -22.92 18.88
C VAL B 791 22.14 -23.53 18.52
N ARG B 792 21.33 -23.79 19.55
CA ARG B 792 19.96 -24.24 19.39
C ARG B 792 19.02 -23.21 20.00
N TYR B 793 18.02 -22.79 19.23
CA TYR B 793 17.11 -21.74 19.64
C TYR B 793 15.76 -22.31 20.00
N GLU B 794 15.15 -21.76 21.04
CA GLU B 794 13.81 -22.13 21.47
C GLU B 794 12.93 -20.89 21.49
N TYR B 795 11.71 -21.03 21.00
CA TYR B 795 10.75 -19.94 20.93
C TYR B 795 9.45 -20.34 21.60
N ASP B 796 8.77 -19.36 22.19
CA ASP B 796 7.45 -19.59 22.74
C ASP B 796 6.41 -19.53 21.63
N LEU B 797 5.15 -19.80 21.98
CA LEU B 797 4.09 -19.79 21.00
C LEU B 797 3.86 -18.42 20.40
N GLY B 798 4.25 -17.35 21.10
CA GLY B 798 4.12 -16.01 20.57
C GLY B 798 5.20 -15.58 19.62
N GLY B 799 6.23 -16.41 19.41
CA GLY B 799 7.30 -16.09 18.50
C GLY B 799 8.50 -15.40 19.11
N ARG B 800 8.54 -15.27 20.43
CA ARG B 800 9.66 -14.61 21.09
C ARG B 800 10.76 -15.62 21.42
N LEU B 801 11.99 -15.16 21.38
CA LEU B 801 13.13 -16.01 21.68
C LEU B 801 13.17 -16.32 23.17
N LEU B 802 13.00 -17.60 23.53
CA LEU B 802 13.02 -18.01 24.92
C LEU B 802 14.42 -18.35 25.41
N ALA B 803 15.13 -19.19 24.68
CA ALA B 803 16.45 -19.64 25.12
C ALA B 803 17.34 -19.87 23.91
N SER B 804 18.65 -19.79 24.16
CA SER B 804 19.67 -20.14 23.18
C SER B 804 20.74 -20.95 23.89
N ARG B 805 21.09 -22.10 23.33
CA ARG B 805 22.00 -23.04 23.97
C ARG B 805 23.20 -23.27 23.06
N ARG B 806 24.29 -22.54 23.34
CA ARG B 806 25.54 -22.81 22.64
C ARG B 806 26.12 -24.14 23.09
N ALA B 807 26.87 -24.77 22.19
CA ALA B 807 27.49 -26.05 22.51
C ALA B 807 28.55 -25.87 23.58
N GLY B 808 28.48 -26.69 24.62
CA GLY B 808 29.44 -26.60 25.71
C GLY B 808 29.35 -25.31 26.51
N ALA B 809 28.15 -24.79 26.71
CA ALA B 809 27.97 -23.57 27.48
C ALA B 809 26.59 -23.57 28.11
N ALA B 810 26.42 -22.75 29.14
CA ALA B 810 25.13 -22.64 29.80
C ALA B 810 24.11 -21.94 28.91
N ALA B 811 22.86 -22.39 29.02
CA ALA B 811 21.80 -21.80 28.21
C ALA B 811 21.46 -20.40 28.70
N SER B 812 21.08 -19.54 27.76
CA SER B 812 20.67 -18.17 28.05
C SER B 812 19.16 -18.11 27.93
N THR B 813 18.47 -18.22 29.06
CA THR B 813 17.01 -18.23 29.09
C THR B 813 16.48 -16.81 29.23
N TYR B 814 15.44 -16.51 28.45
CA TYR B 814 14.80 -15.20 28.47
C TYR B 814 13.33 -15.38 28.83
N ARG B 815 12.83 -14.50 29.70
CA ARG B 815 11.45 -14.56 30.19
C ARG B 815 10.77 -13.25 29.88
N TYR B 816 9.54 -13.32 29.39
CA TYR B 816 8.77 -12.15 29.02
C TYR B 816 7.44 -12.12 29.77
N ASP B 817 6.89 -10.92 29.89
CA ASP B 817 5.53 -10.77 30.38
C ASP B 817 4.57 -10.94 29.20
N ALA B 818 3.29 -10.63 29.42
CA ALA B 818 2.31 -10.79 28.35
C ALA B 818 2.58 -9.82 27.20
N ALA B 819 2.93 -8.57 27.52
CA ALA B 819 3.10 -7.57 26.49
C ALA B 819 4.40 -7.74 25.71
N GLY B 820 5.37 -8.47 26.24
CA GLY B 820 6.61 -8.69 25.52
C GLY B 820 7.78 -7.92 26.11
N ASN B 821 7.77 -7.72 27.42
CA ASN B 821 8.84 -7.03 28.12
C ASN B 821 9.70 -8.05 28.87
N ARG B 822 11.01 -7.97 28.69
CA ARG B 822 11.91 -8.92 29.32
C ARG B 822 11.84 -8.80 30.83
N LEU B 823 11.77 -9.95 31.49
CA LEU B 823 11.74 -10.02 32.95
C LEU B 823 13.02 -10.67 33.43
N GLU B 824 13.73 -10.01 34.35
CA GLU B 824 14.95 -10.56 34.90
C GLU B 824 14.66 -11.74 35.81
N GLY B 825 15.61 -12.66 35.88
CA GLY B 825 15.47 -13.83 36.74
C GLY B 825 14.65 -14.95 36.12
N ALA B 863 7.00 -9.84 37.71
CA ALA B 863 5.61 -10.12 37.33
C ALA B 863 5.31 -9.54 35.95
N ARG B 864 5.20 -8.22 35.87
CA ARG B 864 4.94 -7.56 34.60
C ARG B 864 5.42 -6.12 34.70
N TRP B 865 5.61 -5.50 33.54
CA TRP B 865 5.98 -4.09 33.44
C TRP B 865 4.82 -3.35 32.80
N ALA B 866 3.87 -2.92 33.61
CA ALA B 866 2.77 -2.11 33.13
C ALA B 866 3.32 -0.79 32.60
N GLY B 867 2.86 -0.40 31.41
CA GLY B 867 3.41 0.76 30.74
C GLY B 867 4.60 0.48 29.87
N ASN B 868 5.09 -0.76 29.84
CA ASN B 868 6.15 -1.22 28.95
C ASN B 868 7.50 -0.56 29.22
N ARG B 869 7.68 0.01 30.41
CA ARG B 869 8.95 0.63 30.79
C ARG B 869 9.68 -0.34 31.72
N VAL B 870 10.68 -1.04 31.17
CA VAL B 870 11.47 -1.98 31.96
C VAL B 870 12.49 -1.18 32.75
N GLU B 871 12.24 -1.01 34.05
CA GLU B 871 13.08 -0.20 34.91
C GLU B 871 14.16 -1.00 35.62
N ARG B 872 14.25 -2.30 35.38
CA ARG B 872 15.25 -3.12 36.05
C ARG B 872 15.47 -4.39 35.23
N ILE B 873 16.65 -4.51 34.62
CA ILE B 873 16.99 -5.69 33.84
C ILE B 873 18.49 -5.74 33.70
N ALA B 874 19.04 -6.96 33.65
CA ALA B 874 20.48 -7.19 33.46
C ALA B 874 21.31 -6.53 34.56
N GLY B 875 20.77 -6.45 35.77
CA GLY B 875 21.50 -5.86 36.87
C GLY B 875 21.58 -4.35 36.85
N ASN B 876 20.84 -3.70 35.96
CA ASN B 876 20.86 -2.26 35.83
C ASN B 876 19.51 -1.67 36.20
N ARG B 877 19.53 -0.44 36.70
CA ARG B 877 18.32 0.32 36.99
C ARG B 877 18.13 1.37 35.91
N TYR B 878 16.96 1.41 35.31
CA TYR B 878 16.65 2.34 34.23
C TYR B 878 15.61 3.34 34.70
N ARG B 879 15.88 4.62 34.46
CA ARG B 879 14.96 5.69 34.81
C ARG B 879 14.50 6.38 33.54
N PHE B 880 13.19 6.58 33.42
CA PHE B 880 12.61 7.19 32.24
C PHE B 880 11.97 8.54 32.60
N ASP B 881 11.87 9.40 31.60
CA ASP B 881 11.25 10.70 31.77
C ASP B 881 9.76 10.60 31.41
N ALA B 882 9.09 11.75 31.37
CA ALA B 882 7.65 11.77 31.12
C ALA B 882 7.31 11.28 29.72
N LEU B 883 8.24 11.41 28.78
CA LEU B 883 8.00 11.02 27.40
C LEU B 883 8.44 9.59 27.09
N GLY B 884 8.91 8.84 28.10
CA GLY B 884 9.34 7.48 27.89
C GLY B 884 10.78 7.30 27.47
N ASN B 885 11.52 8.39 27.29
CA ASN B 885 12.93 8.28 26.93
C ASN B 885 13.74 7.84 28.13
N LEU B 886 14.73 6.99 27.90
CA LEU B 886 15.66 6.60 28.95
C LEU B 886 16.58 7.77 29.24
N VAL B 887 16.62 8.21 30.50
CA VAL B 887 17.42 9.35 30.90
C VAL B 887 18.46 9.00 31.95
N GLU B 888 18.50 7.75 32.41
CA GLU B 888 19.43 7.37 33.47
C GLU B 888 19.52 5.85 33.50
N ARG B 889 20.75 5.34 33.49
CA ARG B 889 21.02 3.91 33.64
C ARG B 889 22.14 3.74 34.65
N ILE B 890 21.85 3.03 35.73
CA ILE B 890 22.82 2.81 36.80
C ILE B 890 23.11 1.31 36.88
N GLY B 891 24.38 0.95 36.75
CA GLY B 891 24.77 -0.43 36.84
C GLY B 891 24.98 -0.89 38.27
N ALA B 892 25.21 -2.20 38.42
CA ALA B 892 25.46 -2.76 39.74
C ALA B 892 26.76 -2.23 40.33
N ASP B 893 27.79 -2.07 39.50
CA ASP B 893 29.08 -1.57 39.97
C ASP B 893 29.05 -0.07 40.28
N GLY B 894 27.99 0.63 39.90
CA GLY B 894 27.89 2.06 40.12
C GLY B 894 28.08 2.90 38.88
N GLU B 895 28.32 2.30 37.72
CA GLU B 895 28.43 3.06 36.49
C GLU B 895 27.12 3.76 36.18
N ARG B 896 27.20 5.04 35.84
CA ARG B 896 26.03 5.88 35.62
C ARG B 896 26.06 6.44 34.22
N LEU B 897 24.92 6.34 33.52
CA LEU B 897 24.78 6.84 32.16
C LEU B 897 23.59 7.78 32.11
N ARG B 898 23.86 9.07 31.96
CA ARG B 898 22.83 10.09 31.82
C ARG B 898 22.60 10.37 30.35
N LEU B 899 21.33 10.52 29.97
CA LEU B 899 20.96 10.80 28.59
C LEU B 899 20.09 12.05 28.54
N ALA B 900 20.36 12.91 27.55
CA ALA B 900 19.62 14.15 27.36
C ALA B 900 19.09 14.21 25.94
N TYR B 901 17.86 14.69 25.80
CA TYR B 901 17.17 14.70 24.52
C TYR B 901 16.67 16.10 24.20
N ASP B 902 16.46 16.35 22.92
CA ASP B 902 15.86 17.59 22.46
C ASP B 902 14.35 17.41 22.38
N GLY B 903 13.64 18.38 21.80
CA GLY B 903 12.21 18.28 21.69
C GLY B 903 11.72 17.32 20.62
N ALA B 904 12.63 16.79 19.81
CA ALA B 904 12.31 15.77 18.82
C ALA B 904 12.64 14.37 19.31
N GLN B 905 12.91 14.21 20.61
CA GLN B 905 13.24 12.93 21.22
C GLN B 905 14.48 12.30 20.58
N ARG B 906 15.48 13.13 20.31
CA ARG B 906 16.75 12.69 19.76
C ARG B 906 17.84 12.91 20.79
N LEU B 907 18.64 11.88 21.03
CA LEU B 907 19.72 11.94 22.02
C LEU B 907 20.78 12.94 21.55
N VAL B 908 20.89 14.07 22.24
CA VAL B 908 21.81 15.12 21.85
C VAL B 908 23.00 15.26 22.80
N HIS B 909 22.96 14.63 23.97
CA HIS B 909 24.04 14.77 24.94
C HIS B 909 23.93 13.64 25.94
N LEU B 910 25.05 12.98 26.24
CA LEU B 910 25.09 11.95 27.25
C LEU B 910 26.35 12.09 28.08
N THR B 911 26.24 11.71 29.36
CA THR B 911 27.36 11.72 30.28
C THR B 911 27.48 10.32 30.89
N ARG B 912 28.68 9.77 30.89
CA ARG B 912 28.94 8.43 31.40
C ARG B 912 30.01 8.50 32.47
N ASP B 913 29.69 8.00 33.65
CA ASP B 913 30.64 7.93 34.77
C ASP B 913 30.94 6.47 35.06
N TYR B 914 32.22 6.13 35.09
CA TYR B 914 32.64 4.77 35.38
C TYR B 914 32.88 4.60 36.87
N ALA B 915 33.01 3.33 37.29
CA ALA B 915 33.31 3.03 38.68
C ALA B 915 34.69 3.52 39.09
N ASP B 916 35.60 3.70 38.15
CA ASP B 916 36.95 4.17 38.44
C ASP B 916 37.03 5.68 38.59
N GLY B 917 35.88 6.37 38.70
CA GLY B 917 35.88 7.81 38.79
C GLY B 917 36.36 8.51 37.54
N THR B 918 36.10 7.94 36.38
CA THR B 918 36.47 8.54 35.10
C THR B 918 35.20 8.93 34.35
N ARG B 919 35.19 10.14 33.80
CA ARG B 919 34.02 10.69 33.14
C ARG B 919 34.15 10.58 31.62
N LEU B 920 33.03 10.88 30.95
CA LEU B 920 32.97 10.85 29.50
C LEU B 920 31.71 11.58 29.07
N GLU B 921 31.86 12.52 28.15
CA GLU B 921 30.72 13.28 27.63
C GLU B 921 30.69 13.16 26.12
N ALA B 922 29.48 12.99 25.58
CA ALA B 922 29.29 12.88 24.14
C ALA B 922 28.13 13.78 23.74
N ARG B 923 28.28 14.43 22.58
CA ARG B 923 27.23 15.25 22.00
C ARG B 923 27.00 14.81 20.57
N TYR B 924 25.75 14.84 20.13
CA TYR B 924 25.38 14.36 18.82
C TYR B 924 24.63 15.45 18.06
N ARG B 925 24.82 15.46 16.74
CA ARG B 925 24.18 16.42 15.86
C ARG B 925 23.38 15.67 14.80
N TYR B 926 22.22 16.21 14.45
CA TYR B 926 21.32 15.58 13.50
C TYR B 926 20.91 16.58 12.44
N ASP B 927 20.50 16.06 11.29
CA ASP B 927 19.97 16.89 10.22
C ASP B 927 18.45 16.97 10.35
N ALA B 928 17.79 17.57 9.35
CA ALA B 928 16.35 17.70 9.40
C ALA B 928 15.64 16.35 9.28
N LEU B 929 16.32 15.32 8.82
CA LEU B 929 15.74 13.99 8.66
C LEU B 929 16.07 13.08 9.84
N SER B 930 16.55 13.65 10.95
CA SER B 930 16.87 12.89 12.16
C SER B 930 17.94 11.84 11.90
N ARG B 931 18.90 12.17 11.04
CA ARG B 931 20.06 11.32 10.79
C ARG B 931 21.25 11.90 11.53
N ARG B 932 21.91 11.08 12.34
CA ARG B 932 23.05 11.55 13.11
C ARG B 932 24.19 11.89 12.16
N ILE B 933 24.57 13.16 12.12
CA ILE B 933 25.60 13.62 11.20
C ILE B 933 26.97 13.79 11.86
N ALA B 934 27.01 13.89 13.19
CA ALA B 934 28.28 14.10 13.88
C ALA B 934 28.20 13.52 15.28
N LYS B 935 29.39 13.25 15.83
CA LYS B 935 29.52 12.72 17.18
C LYS B 935 30.76 13.34 17.81
N VAL B 936 30.56 14.11 18.87
CA VAL B 936 31.65 14.79 19.56
C VAL B 936 31.77 14.16 20.94
N VAL B 937 32.87 13.48 21.19
CA VAL B 937 33.12 12.79 22.45
C VAL B 937 34.23 13.52 23.19
N LEU B 938 33.91 14.02 24.38
CA LEU B 938 34.87 14.71 25.22
C LEU B 938 35.34 13.76 26.32
N ARG B 939 36.64 13.57 26.41
CA ARG B 939 37.20 12.60 27.34
C ARG B 939 38.55 13.09 27.84
N ASP B 940 38.65 13.28 29.16
CA ASP B 940 39.88 13.78 29.80
C ASP B 940 40.31 15.14 29.25
N GLY B 941 39.34 15.96 28.88
CA GLY B 941 39.63 17.28 28.33
C GLY B 941 40.04 17.28 26.87
N VAL B 942 40.06 16.12 26.22
CA VAL B 942 40.43 16.00 24.81
C VAL B 942 39.16 15.70 24.03
N GLU B 943 38.93 16.46 22.96
CA GLU B 943 37.70 16.39 22.19
C GLU B 943 37.97 15.73 20.84
N GLN B 944 37.22 14.68 20.55
CA GLN B 944 37.33 13.96 19.28
C GLN B 944 35.99 13.98 18.58
N GLN B 945 35.99 14.36 17.31
CA GLN B 945 34.77 14.54 16.53
C GLN B 945 34.75 13.54 15.38
N VAL B 946 33.62 12.89 15.19
CA VAL B 946 33.40 11.97 14.08
C VAL B 946 32.16 12.41 13.33
N ARG B 947 32.28 12.59 12.02
CA ARG B 947 31.18 13.00 11.16
C ARG B 947 30.73 11.82 10.32
N PHE B 948 29.42 11.71 10.11
CA PHE B 948 28.84 10.59 9.39
C PHE B 948 28.17 11.09 8.12
N GLY B 949 28.46 10.44 7.00
CA GLY B 949 27.78 10.69 5.75
C GLY B 949 26.72 9.63 5.50
N TRP B 950 25.64 10.04 4.85
CA TRP B 950 24.48 9.17 4.67
C TRP B 950 24.12 9.06 3.19
N ASP B 951 23.58 7.90 2.83
CA ASP B 951 23.04 7.63 1.50
C ASP B 951 21.60 7.18 1.70
N GLY B 952 20.69 8.14 1.79
CA GLY B 952 19.32 7.85 2.14
C GLY B 952 19.20 7.45 3.59
N ASP B 953 18.69 6.25 3.85
CA ASP B 953 18.58 5.73 5.20
C ASP B 953 19.79 4.92 5.62
N ARG B 954 20.80 4.79 4.76
CA ARG B 954 21.98 3.98 5.01
C ARG B 954 23.17 4.89 5.28
N GLN B 955 23.81 4.68 6.42
CA GLN B 955 25.02 5.43 6.76
C GLN B 955 26.20 4.84 6.00
N CYS B 956 26.89 5.68 5.23
CA CYS B 956 27.92 5.20 4.32
C CYS B 956 29.27 5.88 4.52
N ALA B 957 29.47 6.60 5.62
CA ALA B 957 30.74 7.27 5.83
C ALA B 957 30.96 7.49 7.32
N GLU B 958 32.24 7.42 7.71
CA GLU B 958 32.66 7.74 9.07
C GLU B 958 33.93 8.57 8.95
N ALA B 959 33.77 9.89 8.93
CA ALA B 959 34.90 10.79 8.73
C ALA B 959 35.55 11.06 10.09
N PHE B 960 36.66 10.38 10.35
CA PHE B 960 37.43 10.61 11.56
C PHE B 960 38.38 11.79 11.34
N ALA B 961 39.24 12.05 12.32
CA ALA B 961 40.19 13.15 12.20
C ALA B 961 41.18 12.91 11.07
N ARG B 962 41.69 11.69 10.94
CA ARG B 962 42.72 11.37 9.98
C ARG B 962 42.37 10.15 9.14
N GLU B 963 41.08 9.86 8.97
CA GLU B 963 40.68 8.68 8.21
C GLU B 963 39.24 8.83 7.77
N LEU B 964 38.96 8.50 6.52
CA LEU B 964 37.61 8.46 5.98
C LEU B 964 37.26 7.00 5.73
N ARG B 965 36.30 6.47 6.49
CA ARG B 965 35.88 5.08 6.37
C ARG B 965 34.52 5.05 5.68
N THR B 966 34.48 4.45 4.49
CA THR B 966 33.28 4.37 3.68
C THR B 966 32.73 2.94 3.71
N THR B 967 31.45 2.81 4.02
CA THR B 967 30.77 1.51 4.05
C THR B 967 29.82 1.44 2.88
N VAL B 968 29.97 0.41 2.05
CA VAL B 968 29.11 0.19 0.89
C VAL B 968 28.18 -0.96 1.20
N HIS B 969 26.89 -0.69 1.18
CA HIS B 969 25.88 -1.71 1.43
C HIS B 969 25.45 -2.35 0.13
N GLU B 970 24.93 -3.57 0.24
CA GLU B 970 24.36 -4.21 -0.92
C GLU B 970 23.16 -3.41 -1.41
N PRO B 971 22.99 -3.26 -2.73
CA PRO B 971 21.93 -2.39 -3.24
C PRO B 971 20.55 -2.84 -2.77
N GLY B 972 19.71 -1.87 -2.46
CA GLY B 972 18.35 -2.16 -2.03
C GLY B 972 18.23 -2.78 -0.66
N GLY B 973 19.21 -2.56 0.21
CA GLY B 973 19.15 -3.15 1.54
C GLY B 973 20.19 -2.53 2.44
N PHE B 974 20.17 -2.98 3.70
CA PHE B 974 21.07 -2.50 4.73
C PHE B 974 22.18 -3.48 5.05
N VAL B 975 22.38 -4.50 4.22
CA VAL B 975 23.44 -5.47 4.44
C VAL B 975 24.75 -4.87 3.96
N PRO B 976 25.75 -4.73 4.83
CA PRO B 976 27.04 -4.18 4.39
C PRO B 976 27.77 -5.15 3.47
N LEU B 977 28.37 -4.60 2.41
CA LEU B 977 29.07 -5.38 1.41
C LEU B 977 30.58 -5.26 1.51
N LEU B 978 31.10 -4.03 1.48
CA LEU B 978 32.54 -3.82 1.59
C LEU B 978 32.80 -2.49 2.26
N ARG B 979 34.01 -2.34 2.79
CA ARG B 979 34.40 -1.14 3.52
C ARG B 979 35.66 -0.55 2.90
N LEU B 980 35.68 0.77 2.78
CA LEU B 980 36.81 1.51 2.22
C LEU B 980 37.41 2.39 3.29
N GLU B 981 38.74 2.35 3.42
CA GLU B 981 39.46 3.17 4.39
C GLU B 981 40.48 4.01 3.64
N GLN B 982 40.44 5.33 3.88
CA GLN B 982 41.36 6.27 3.24
C GLN B 982 41.93 7.20 4.29
N ALA B 983 43.25 7.34 4.32
CA ALA B 983 43.86 8.37 5.14
C ALA B 983 43.56 9.74 4.54
N CYS B 984 43.22 10.69 5.41
CA CYS B 984 42.79 12.00 4.96
C CYS B 984 43.30 13.06 5.91
N GLU B 985 43.21 14.32 5.47
CA GLU B 985 43.58 15.49 6.25
C GLU B 985 42.46 16.50 6.13
N PRO B 986 42.34 17.41 7.10
CA PRO B 986 41.30 18.44 7.02
C PRO B 986 41.43 19.27 5.74
N ASP B 987 40.29 19.59 5.14
CA ASP B 987 40.30 20.30 3.88
C ASP B 987 40.76 21.75 4.07
N PRO B 988 41.47 22.31 3.11
CA PRO B 988 41.87 23.73 3.19
C PRO B 988 40.64 24.62 3.06
N PRO B 989 40.72 25.86 3.57
CA PRO B 989 39.54 26.73 3.53
C PRO B 989 39.00 26.99 2.13
N GLU B 990 39.87 27.08 1.13
CA GLU B 990 39.40 27.35 -0.23
C GLU B 990 38.67 26.14 -0.81
N LEU B 991 39.09 24.92 -0.46
CA LEU B 991 38.42 23.74 -0.97
C LEU B 991 37.02 23.60 -0.38
N LEU B 992 36.86 23.95 0.89
CA LEU B 992 35.54 23.88 1.51
C LEU B 992 34.56 24.83 0.84
N GLN B 993 35.01 26.04 0.49
CA GLN B 993 34.16 26.96 -0.24
C GLN B 993 33.78 26.41 -1.60
N LEU B 994 34.72 25.74 -2.28
CA LEU B 994 34.42 25.13 -3.57
C LEU B 994 33.39 24.02 -3.43
N ARG B 995 33.50 23.20 -2.39
CA ARG B 995 32.53 22.14 -2.16
C ARG B 995 31.13 22.72 -1.91
N GLN B 996 31.05 23.77 -1.10
CA GLN B 996 29.75 24.38 -0.82
C GLN B 996 29.16 25.03 -2.06
N ALA B 997 30.02 25.59 -2.92
CA ALA B 997 29.53 26.21 -4.15
C ALA B 997 28.86 25.19 -5.06
N PHE B 998 29.53 24.06 -5.29
CA PHE B 998 28.93 23.02 -6.12
C PHE B 998 27.72 22.39 -5.44
N ALA B 999 27.72 22.32 -4.11
CA ALA B 999 26.56 21.78 -3.40
C ALA B 999 25.34 22.66 -3.60
N ALA B 1000 25.52 23.98 -3.61
CA ALA B 1000 24.40 24.89 -3.78
C ALA B 1000 23.75 24.72 -5.14
N GLU B 1001 24.54 24.57 -6.19
CA GLU B 1001 24.02 24.39 -7.54
C GLU B 1001 23.58 22.97 -7.83
N GLY B 1002 23.78 22.05 -6.91
CA GLY B 1002 23.38 20.66 -7.12
C GLY B 1002 24.17 19.94 -8.19
N GLN B 1003 25.48 20.16 -8.24
CA GLN B 1003 26.34 19.46 -9.18
C GLN B 1003 27.47 18.78 -8.42
N PRO B 1004 27.88 17.59 -8.85
CA PRO B 1004 28.96 16.89 -8.15
C PRO B 1004 30.28 17.62 -8.29
N LEU B 1005 31.11 17.48 -7.26
CA LEU B 1005 32.43 18.08 -7.29
C LEU B 1005 33.29 17.39 -8.34
N PRO B 1006 33.99 18.13 -9.20
CA PRO B 1006 34.84 17.50 -10.21
C PRO B 1006 35.95 16.68 -9.57
N ALA B 1007 36.33 15.60 -10.25
CA ALA B 1007 37.37 14.72 -9.74
C ALA B 1007 38.74 15.37 -9.72
N GLN B 1008 38.91 16.50 -10.41
CA GLN B 1008 40.19 17.20 -10.43
C GLN B 1008 40.42 18.06 -9.19
N CYS B 1009 39.40 18.24 -8.35
CA CYS B 1009 39.51 19.06 -7.15
C CYS B 1009 39.46 18.23 -5.87
N VAL B 1010 39.67 16.92 -5.97
CA VAL B 1010 39.62 16.03 -4.81
C VAL B 1010 40.81 16.33 -3.91
N PRO B 1011 40.69 16.11 -2.60
CA PRO B 1011 41.82 16.38 -1.70
C PRO B 1011 42.93 15.35 -1.83
N ALA B 1012 43.98 15.49 -1.02
CA ALA B 1012 45.10 14.56 -1.03
C ALA B 1012 44.82 13.39 -0.09
N LEU B 1013 43.88 12.55 -0.52
CA LEU B 1013 43.54 11.33 0.21
C LEU B 1013 44.45 10.18 -0.22
N GLY B 1014 44.76 9.32 0.74
CA GLY B 1014 45.60 8.18 0.47
C GLY B 1014 44.87 7.10 -0.30
N GLU B 1015 45.62 6.07 -0.68
CA GLU B 1015 45.05 4.95 -1.42
C GLU B 1015 44.06 4.19 -0.54
N ALA B 1016 42.91 3.86 -1.11
CA ALA B 1016 41.84 3.22 -0.34
C ALA B 1016 42.17 1.76 -0.07
N ARG B 1017 42.00 1.35 1.19
CA ARG B 1017 42.07 -0.05 1.56
C ARG B 1017 40.66 -0.63 1.57
N ILE B 1018 40.50 -1.79 0.95
CA ILE B 1018 39.19 -2.42 0.78
C ILE B 1018 39.10 -3.62 1.70
N ALA B 1019 38.02 -3.69 2.48
CA ALA B 1019 37.71 -4.83 3.32
C ALA B 1019 36.31 -5.30 3.00
N PHE B 1020 36.07 -6.60 3.14
CA PHE B 1020 34.81 -7.22 2.75
C PHE B 1020 34.08 -7.71 3.99
N PHE B 1021 32.79 -7.37 4.07
CA PHE B 1021 31.96 -7.86 5.16
C PHE B 1021 31.46 -9.26 4.82
N HIS B 1022 31.53 -10.15 5.80
CA HIS B 1022 31.05 -11.53 5.66
C HIS B 1022 29.94 -11.71 6.70
N THR B 1023 28.72 -11.44 6.29
CA THR B 1023 27.59 -11.41 7.20
C THR B 1023 26.98 -12.81 7.36
N ASP B 1024 26.13 -12.94 8.36
CA ASP B 1024 25.37 -14.15 8.60
C ASP B 1024 24.03 -14.07 7.88
N HIS B 1025 23.09 -14.94 8.22
CA HIS B 1025 21.79 -14.96 7.55
C HIS B 1025 21.01 -13.66 7.74
N LEU B 1026 21.29 -12.90 8.78
CA LEU B 1026 20.57 -11.68 9.08
C LEU B 1026 21.28 -10.42 8.61
N GLY B 1027 22.42 -10.55 7.94
CA GLY B 1027 23.17 -9.39 7.54
C GLY B 1027 24.04 -8.79 8.63
N THR B 1028 24.26 -9.51 9.73
CA THR B 1028 25.14 -9.03 10.78
C THR B 1028 26.57 -9.41 10.46
N PRO B 1029 27.49 -8.45 10.34
CA PRO B 1029 28.88 -8.79 10.01
C PRO B 1029 29.53 -9.59 11.13
N LEU B 1030 30.09 -10.74 10.78
CA LEU B 1030 30.82 -11.58 11.72
C LEU B 1030 32.30 -11.70 11.40
N GLN B 1031 32.69 -11.51 10.14
CA GLN B 1031 34.09 -11.50 9.75
C GLN B 1031 34.35 -10.30 8.85
N LEU B 1032 35.61 -9.90 8.78
CA LEU B 1032 36.06 -8.81 7.92
C LEU B 1032 37.38 -9.22 7.30
N SER B 1033 37.41 -9.35 5.98
CA SER B 1033 38.59 -9.82 5.27
C SER B 1033 39.22 -8.69 4.47
N ASP B 1034 40.55 -8.70 4.41
CA ASP B 1034 41.30 -7.66 3.72
C ASP B 1034 41.51 -8.06 2.26
N GLU B 1035 42.39 -7.34 1.57
CA GLU B 1035 42.63 -7.53 0.15
C GLU B 1035 43.50 -8.73 -0.17
N ARG B 1036 44.04 -9.41 0.84
CA ARG B 1036 44.85 -10.61 0.62
C ARG B 1036 44.13 -11.88 1.05
N GLY B 1037 42.85 -11.79 1.41
CA GLY B 1037 42.12 -12.95 1.87
C GLY B 1037 42.34 -13.31 3.31
N GLN B 1038 43.05 -12.49 4.08
CA GLN B 1038 43.24 -12.73 5.50
C GLN B 1038 42.09 -12.13 6.30
N LEU B 1039 42.08 -12.41 7.59
CA LEU B 1039 41.06 -11.89 8.48
C LEU B 1039 41.55 -10.65 9.20
N ARG B 1040 40.74 -9.59 9.19
CA ARG B 1040 41.02 -8.38 9.94
C ARG B 1040 40.24 -8.32 11.26
N TRP B 1041 38.94 -8.60 11.21
CA TRP B 1041 38.10 -8.55 12.40
C TRP B 1041 37.19 -9.77 12.40
N GLN B 1042 37.02 -10.37 13.58
CA GLN B 1042 36.16 -11.52 13.75
C GLN B 1042 35.30 -11.31 15.00
N GLY B 1043 34.01 -11.61 14.88
CA GLY B 1043 33.10 -11.39 15.98
C GLY B 1043 32.28 -12.61 16.35
N VAL B 1044 32.27 -12.95 17.63
CA VAL B 1044 31.49 -14.10 18.11
C VAL B 1044 30.02 -13.71 18.17
N PRO B 1045 29.13 -14.48 17.56
CA PRO B 1045 27.71 -14.10 17.55
C PRO B 1045 27.11 -14.07 18.95
N ASP B 1046 26.15 -13.18 19.13
CA ASP B 1046 25.43 -13.03 20.40
C ASP B 1046 23.96 -12.81 20.09
N ASP B 1047 23.12 -13.13 21.07
CA ASP B 1047 21.68 -13.10 20.86
C ASP B 1047 21.17 -11.67 20.64
N TRP B 1048 21.36 -10.80 21.63
CA TRP B 1048 20.81 -9.45 21.56
C TRP B 1048 21.84 -8.38 21.22
N ARG B 1049 23.12 -8.63 21.49
CA ARG B 1049 24.16 -7.67 21.14
C ARG B 1049 24.68 -7.85 19.72
N ALA B 1050 24.28 -8.93 19.04
CA ALA B 1050 24.63 -9.23 17.65
C ALA B 1050 26.10 -9.62 17.51
N VAL B 1051 26.87 -9.42 18.57
CA VAL B 1051 28.29 -9.77 18.59
C VAL B 1051 28.76 -9.74 20.04
N ALA B 1052 29.59 -10.69 20.42
CA ALA B 1052 30.08 -10.73 21.79
C ALA B 1052 30.91 -9.49 22.08
N PRO B 1053 30.84 -8.96 23.30
CA PRO B 1053 31.57 -7.71 23.60
C PRO B 1053 33.06 -7.86 23.35
N GLU B 1054 33.65 -6.82 22.77
CA GLU B 1054 35.06 -6.81 22.41
C GLU B 1054 35.73 -5.56 22.96
N ARG B 1055 37.05 -5.62 23.08
CA ARG B 1055 37.81 -4.54 23.70
C ARG B 1055 37.68 -3.24 22.91
N GLN B 1056 37.75 -3.32 21.58
CA GLN B 1056 37.69 -2.15 20.71
C GLN B 1056 36.48 -2.27 19.79
N PRO B 1057 35.31 -1.76 20.18
CA PRO B 1057 34.15 -1.80 19.29
C PRO B 1057 34.26 -0.85 18.10
N GLY B 1058 35.24 0.04 18.07
CA GLY B 1058 35.43 0.93 16.96
C GLY B 1058 36.08 0.33 15.73
N ALA B 1059 36.70 -0.84 15.88
CA ALA B 1059 37.28 -1.52 14.72
C ALA B 1059 36.19 -1.96 13.76
N GLN B 1060 35.05 -2.40 14.29
CA GLN B 1060 33.91 -2.79 13.48
C GLN B 1060 32.65 -2.44 14.26
N PRO B 1061 32.02 -1.30 13.94
CA PRO B 1061 30.87 -0.83 14.72
C PRO B 1061 29.51 -1.24 14.20
N ILE B 1062 29.42 -1.95 13.08
CA ILE B 1062 28.12 -2.30 12.51
C ILE B 1062 27.62 -3.58 13.17
N ARG B 1063 26.47 -3.48 13.84
CA ARG B 1063 25.80 -4.60 14.45
C ARG B 1063 24.39 -4.72 13.88
N PHE B 1064 23.91 -5.94 13.71
CA PHE B 1064 22.61 -6.19 13.11
C PHE B 1064 22.55 -5.45 11.78
N GLN B 1065 21.38 -4.95 11.39
CA GLN B 1065 21.23 -4.15 10.18
C GLN B 1065 20.81 -2.75 10.57
N GLY B 1066 21.58 -1.76 10.11
CA GLY B 1066 21.27 -0.37 10.38
C GLY B 1066 21.65 0.13 11.75
N GLN B 1067 22.35 -0.68 12.54
CA GLN B 1067 22.75 -0.28 13.88
C GLN B 1067 24.25 -0.01 13.94
N TYR B 1068 24.62 1.08 14.60
CA TYR B 1068 26.01 1.49 14.76
C TYR B 1068 26.35 1.45 16.24
N HIS B 1069 27.39 0.69 16.58
CA HIS B 1069 27.78 0.54 17.97
C HIS B 1069 28.55 1.77 18.43
N ASP B 1070 28.00 2.49 19.41
CA ASP B 1070 28.67 3.64 19.98
C ASP B 1070 29.67 3.18 21.03
N GLU B 1071 30.96 3.41 20.77
CA GLU B 1071 31.98 2.97 21.70
C GLU B 1071 31.88 3.69 23.03
N GLU B 1072 31.53 4.97 23.02
CA GLU B 1072 31.59 5.76 24.24
C GLU B 1072 30.44 5.42 25.20
N SER B 1073 29.29 5.01 24.68
CA SER B 1073 28.13 4.76 25.53
C SER B 1073 27.70 3.31 25.58
N GLY B 1074 28.05 2.49 24.59
CA GLY B 1074 27.59 1.13 24.53
C GLY B 1074 26.23 0.95 23.90
N LEU B 1075 25.59 2.02 23.45
CA LEU B 1075 24.31 1.90 22.76
C LEU B 1075 24.53 1.63 21.28
N TYR B 1076 23.54 0.97 20.68
CA TYR B 1076 23.53 0.75 19.24
C TYR B 1076 22.63 1.79 18.61
N TYR B 1077 23.19 2.67 17.79
CA TYR B 1077 22.43 3.73 17.15
C TYR B 1077 21.71 3.15 15.93
N ASN B 1078 20.39 3.00 16.03
CA ASN B 1078 19.59 2.75 14.85
C ASN B 1078 19.37 4.06 14.10
N ARG B 1079 18.57 4.01 13.03
CA ARG B 1079 18.35 5.22 12.24
C ARG B 1079 17.63 6.29 13.05
N TYR B 1080 16.62 5.90 13.82
CA TYR B 1080 15.80 6.87 14.55
C TYR B 1080 15.94 6.79 16.06
N ARG B 1081 16.23 5.62 16.62
CA ARG B 1081 16.32 5.45 18.06
C ARG B 1081 17.66 4.81 18.42
N TYR B 1082 17.91 4.67 19.71
CA TYR B 1082 19.08 3.99 20.23
C TYR B 1082 18.66 2.68 20.88
N TYR B 1083 19.40 1.62 20.59
CA TYR B 1083 19.06 0.28 21.04
C TYR B 1083 19.94 -0.11 22.21
N LEU B 1084 19.32 -0.74 23.22
CA LEU B 1084 20.03 -1.19 24.41
C LEU B 1084 20.42 -2.65 24.22
N PRO B 1085 21.67 -2.95 23.89
CA PRO B 1085 22.05 -4.36 23.68
C PRO B 1085 21.89 -5.22 24.91
N GLU B 1086 22.09 -4.68 26.11
CA GLU B 1086 21.98 -5.48 27.32
C GLU B 1086 20.54 -5.65 27.79
N ALA B 1087 19.59 -4.94 27.18
CA ALA B 1087 18.19 -5.06 27.54
C ALA B 1087 17.31 -5.59 26.42
N GLY B 1088 17.83 -5.65 25.18
CA GLY B 1088 17.03 -6.11 24.07
C GLY B 1088 15.85 -5.24 23.74
N ARG B 1089 15.99 -3.92 23.92
CA ARG B 1089 14.91 -2.99 23.65
C ARG B 1089 15.50 -1.62 23.35
N TYR B 1090 14.67 -0.74 22.81
CA TYR B 1090 15.13 0.61 22.50
C TYR B 1090 15.11 1.48 23.75
N ALA B 1091 15.85 2.58 23.68
CA ALA B 1091 15.95 3.52 24.78
C ALA B 1091 14.86 4.59 24.74
N SER B 1092 14.02 4.60 23.70
CA SER B 1092 12.95 5.57 23.59
C SER B 1092 11.81 4.94 22.81
N GLN B 1093 10.63 5.54 22.95
CA GLN B 1093 9.44 5.00 22.32
C GLN B 1093 9.47 5.21 20.81
N ASP B 1094 8.72 4.38 20.10
CA ASP B 1094 8.68 4.43 18.65
C ASP B 1094 8.13 5.76 18.18
N PRO B 1095 8.82 6.48 17.30
CA PRO B 1095 8.25 7.73 16.77
C PRO B 1095 6.92 7.53 16.06
N LEU B 1096 6.70 6.36 15.45
CA LEU B 1096 5.43 6.06 14.82
C LEU B 1096 4.31 5.85 15.83
N GLY B 1097 4.63 5.72 17.11
CA GLY B 1097 3.59 5.52 18.11
C GLY B 1097 2.97 4.14 18.00
N LEU B 1098 1.64 4.07 18.10
CA LEU B 1098 0.94 2.81 17.97
C LEU B 1098 1.03 2.22 16.58
N GLY B 1099 1.44 3.00 15.58
CA GLY B 1099 1.58 2.46 14.24
C GLY B 1099 2.66 1.40 14.15
N GLY B 1100 3.75 1.59 14.89
CA GLY B 1100 4.81 0.58 14.89
C GLY B 1100 4.37 -0.72 15.53
N GLY B 1101 3.61 -0.64 16.61
CA GLY B 1101 3.13 -1.82 17.30
C GLY B 1101 2.64 -1.49 18.69
N PRO B 1102 2.01 -2.47 19.34
CA PRO B 1102 1.51 -2.24 20.71
C PRO B 1102 2.61 -1.88 21.71
N ASN B 1103 3.80 -2.46 21.56
CA ASN B 1103 4.90 -2.18 22.47
C ASN B 1103 5.85 -1.19 21.81
N PRO B 1104 6.02 0.01 22.36
CA PRO B 1104 6.86 1.01 21.70
C PRO B 1104 8.36 0.78 21.87
N TYR B 1105 8.78 -0.16 22.70
CA TYR B 1105 10.20 -0.40 22.93
C TYR B 1105 10.70 -1.72 22.33
N ALA B 1106 9.80 -2.59 21.87
CA ALA B 1106 10.22 -3.90 21.42
C ALA B 1106 11.09 -3.80 20.17
N TYR B 1107 12.12 -4.65 20.12
CA TYR B 1107 13.02 -4.71 18.98
C TYR B 1107 12.90 -6.05 18.29
N ALA B 1108 12.67 -6.01 16.97
CA ALA B 1108 12.64 -7.21 16.13
C ALA B 1108 11.64 -8.24 16.64
N LEU B 1109 10.51 -7.78 17.18
CA LEU B 1109 9.47 -8.66 17.70
C LEU B 1109 9.99 -9.62 18.76
N ASN B 1110 10.99 -9.17 19.52
CA ASN B 1110 11.64 -9.99 20.55
C ASN B 1110 12.19 -11.30 19.99
N ALA B 1111 12.55 -11.28 18.71
CA ALA B 1111 13.18 -12.43 18.05
C ALA B 1111 14.39 -11.92 17.27
N PRO B 1112 15.47 -11.59 17.96
CA PRO B 1112 16.64 -11.01 17.29
C PRO B 1112 17.34 -11.98 16.34
N THR B 1113 17.04 -13.28 16.43
CA THR B 1113 17.62 -14.27 15.54
C THR B 1113 16.82 -14.48 14.27
N LEU B 1114 15.70 -13.77 14.12
CA LEU B 1114 14.81 -13.94 12.97
C LEU B 1114 14.54 -12.64 12.23
N ALA B 1115 14.39 -11.54 12.94
CA ALA B 1115 14.02 -10.26 12.35
C ALA B 1115 15.04 -9.19 12.73
N TYR B 1116 14.83 -8.00 12.18
CA TYR B 1116 15.70 -6.86 12.45
C TYR B 1116 14.93 -5.59 12.13
N ASP B 1117 15.39 -4.48 12.73
CA ASP B 1117 14.84 -3.15 12.45
C ASP B 1117 15.94 -2.30 11.85
N PRO B 1118 15.99 -2.12 10.54
CA PRO B 1118 17.09 -1.37 9.93
C PRO B 1118 16.94 0.13 10.12
N THR B 1119 15.71 0.63 10.08
CA THR B 1119 15.44 2.05 10.30
C THR B 1119 15.07 2.37 11.73
N GLY B 1120 15.08 1.39 12.63
CA GLY B 1120 14.74 1.64 14.01
C GLY B 1120 13.31 2.11 14.22
N LEU B 1121 12.36 1.51 13.52
CA LEU B 1121 10.96 1.88 13.66
C LEU B 1121 10.10 0.65 13.93
N ILE C 1 9.89 -1.36 8.43
CA ILE C 1 9.26 -1.77 9.68
C ILE C 1 10.11 -2.84 10.35
N ILE C 2 9.58 -4.06 10.42
CA ILE C 2 10.31 -5.19 11.00
C ILE C 2 10.31 -6.33 10.00
N PRO C 3 11.22 -6.33 9.03
CA PRO C 3 11.24 -7.42 8.03
C PRO C 3 11.72 -8.73 8.67
N LEU C 4 10.94 -9.79 8.45
CA LEU C 4 11.31 -11.14 8.89
C LEU C 4 11.78 -11.90 7.64
N VAL C 5 13.09 -11.94 7.45
CA VAL C 5 13.65 -12.56 6.25
C VAL C 5 13.36 -14.06 6.23
N VAL C 6 13.51 -14.73 7.37
CA VAL C 6 13.36 -16.18 7.43
C VAL C 6 11.90 -16.56 7.66
N ILE C 7 11.26 -15.92 8.64
CA ILE C 7 9.89 -16.28 8.98
C ILE C 7 8.94 -15.88 7.86
N GLY C 8 8.16 -16.85 7.38
CA GLY C 8 7.16 -16.58 6.37
C GLY C 8 5.75 -16.59 6.91
N ALA C 9 5.63 -16.59 8.25
CA ALA C 9 4.31 -16.58 8.87
C ALA C 9 3.57 -15.28 8.57
N PHE C 10 4.26 -14.15 8.61
CA PHE C 10 3.65 -12.85 8.35
C PHE C 10 4.41 -11.99 7.34
N ALA C 11 5.72 -12.17 7.21
CA ALA C 11 6.49 -11.35 6.27
C ALA C 11 6.43 -11.88 4.85
N ALA C 12 5.98 -13.12 4.64
CA ALA C 12 5.86 -13.66 3.30
C ALA C 12 4.75 -12.95 2.54
N ARG C 13 5.00 -12.64 1.28
CA ARG C 13 4.02 -11.92 0.46
C ARG C 13 2.75 -12.73 0.30
N ALA C 14 2.89 -14.04 0.05
CA ALA C 14 1.70 -14.89 -0.08
C ALA C 14 0.95 -15.00 1.23
N ALA C 15 1.66 -15.09 2.36
CA ALA C 15 1.02 -15.26 3.65
C ALA C 15 0.40 -13.98 4.19
N ILE C 16 0.80 -12.81 3.69
CA ILE C 16 0.25 -11.55 4.17
C ILE C 16 -0.76 -10.94 3.20
N GLY C 17 -0.62 -11.19 1.90
CA GLY C 17 -1.58 -10.68 0.92
C GLY C 17 -2.83 -11.51 0.77
N ALA C 18 -2.83 -12.74 1.30
CA ALA C 18 -3.99 -13.62 1.23
C ALA C 18 -4.84 -13.58 2.49
N ALA C 19 -4.46 -12.79 3.48
CA ALA C 19 -5.21 -12.69 4.73
C ALA C 19 -6.23 -11.57 4.59
N LEU C 20 -7.51 -11.94 4.51
CA LEU C 20 -8.56 -10.94 4.36
C LEU C 20 -8.67 -10.06 5.60
N GLY C 21 -8.51 -10.65 6.79
CA GLY C 21 -8.60 -9.87 8.02
C GLY C 21 -7.51 -8.82 8.12
N ALA C 22 -6.28 -9.20 7.76
CA ALA C 22 -5.17 -8.25 7.77
C ALA C 22 -5.10 -7.41 6.50
N GLY C 23 -5.85 -7.76 5.46
CA GLY C 23 -5.83 -7.02 4.23
C GLY C 23 -6.96 -6.02 4.09
N ILE C 24 -7.92 -6.07 5.02
CA ILE C 24 -9.05 -5.16 4.99
C ILE C 24 -8.97 -4.09 6.07
N GLU C 25 -8.18 -4.29 7.11
CA GLU C 25 -8.03 -3.30 8.18
C GLU C 25 -7.04 -2.21 7.84
N LEU C 26 -6.28 -2.36 6.75
CA LEU C 26 -5.32 -1.32 6.36
C LEU C 26 -6.04 -0.03 5.96
N GLY C 27 -7.14 -0.15 5.23
CA GLY C 27 -7.90 1.01 4.80
C GLY C 27 -8.24 0.99 3.32
#